data_1RCU
#
_entry.id   1RCU
#
_cell.length_a   43.748
_cell.length_b   90.438
_cell.length_c   83.210
_cell.angle_alpha   90.00
_cell.angle_beta   94.56
_cell.angle_gamma   90.00
#
_symmetry.space_group_name_H-M   'P 1 21 1'
#
_entity_poly.entity_id   1
_entity_poly.type   'polypeptide(L)'
_entity_poly.pdbx_seq_one_letter_code
;(MSE)GSSHHHHHHSSGRENLYFQGH(MSE)KKVVVVGYSGPVNKSPVSELRDICLELGRTLAKKGYLVFNGGRDGV
(MSE)ELVSQGVREAGGTVVGILPDEEAGNPYLSVAVKTGLDFQ(MSE)RSFVLLRNADVVVSIGGEIGTAIEILGAYAL
GKPVILLRGTGGWTDRISQVLIDGKYLDNRRIVEIHQAWTVEEAVQIIEQILGS
;
_entity_poly.pdbx_strand_id   A,B,C,D
#
# COMPACT_ATOMS: atom_id res chain seq x y z
N MSE A 23 -13.74 -23.83 2.36
CA MSE A 23 -12.68 -23.70 1.31
C MSE A 23 -12.93 -22.54 0.35
O MSE A 23 -12.03 -21.75 0.08
CB MSE A 23 -12.55 -25.01 0.53
CG MSE A 23 -13.89 -25.67 0.20
SE MSE A 23 -13.71 -27.32 -0.83
CE MSE A 23 -12.80 -26.60 -2.39
N LYS A 24 -14.15 -22.45 -0.16
CA LYS A 24 -14.52 -21.40 -1.09
C LYS A 24 -14.74 -20.07 -0.36
N LYS A 25 -14.09 -19.03 -0.85
CA LYS A 25 -14.18 -17.72 -0.24
C LYS A 25 -15.08 -16.72 -0.96
N VAL A 26 -16.09 -16.19 -0.28
CA VAL A 26 -16.92 -15.17 -0.92
C VAL A 26 -16.79 -13.87 -0.15
N VAL A 27 -16.58 -12.80 -0.90
CA VAL A 27 -16.44 -11.47 -0.35
C VAL A 27 -17.78 -10.76 -0.55
N VAL A 28 -18.31 -10.14 0.50
CA VAL A 28 -19.55 -9.41 0.38
C VAL A 28 -19.28 -7.95 0.71
N VAL A 29 -19.79 -7.06 -0.14
CA VAL A 29 -19.61 -5.63 0.02
C VAL A 29 -20.98 -4.94 0.01
N GLY A 30 -21.05 -3.76 0.62
CA GLY A 30 -22.30 -3.01 0.65
C GLY A 30 -22.22 -1.78 1.52
N TYR A 31 -23.37 -1.12 1.73
CA TYR A 31 -23.44 0.10 2.54
C TYR A 31 -22.75 -0.02 3.87
N SER A 32 -22.22 1.10 4.35
CA SER A 32 -21.62 1.13 5.67
C SER A 32 -22.58 2.06 6.41
N GLY A 33 -22.29 2.42 7.65
CA GLY A 33 -23.21 3.30 8.36
C GLY A 33 -24.00 2.57 9.43
N PRO A 34 -24.80 3.30 10.25
CA PRO A 34 -25.55 2.60 11.29
C PRO A 34 -26.54 1.56 10.79
N VAL A 35 -26.43 0.39 11.38
CA VAL A 35 -27.25 -0.76 11.06
C VAL A 35 -28.75 -0.55 11.33
N ASN A 36 -29.06 0.33 12.27
CA ASN A 36 -30.43 0.63 12.67
C ASN A 36 -31.16 1.72 11.88
N LYS A 37 -30.51 2.30 10.88
CA LYS A 37 -31.14 3.36 10.10
C LYS A 37 -31.03 3.15 8.60
N SER A 38 -31.78 3.94 7.83
CA SER A 38 -31.74 3.81 6.37
C SER A 38 -30.37 4.19 5.84
N PRO A 39 -29.97 3.63 4.68
CA PRO A 39 -30.73 2.70 3.84
C PRO A 39 -30.42 1.24 4.19
N VAL A 40 -29.58 1.03 5.19
CA VAL A 40 -29.19 -0.32 5.59
C VAL A 40 -30.22 -1.08 6.43
N SER A 41 -31.07 -0.37 7.18
CA SER A 41 -32.06 -1.05 8.01
C SER A 41 -33.08 -1.82 7.14
N GLU A 42 -33.47 -1.24 6.02
CA GLU A 42 -34.42 -1.87 5.12
C GLU A 42 -33.86 -3.16 4.55
N LEU A 43 -32.55 -3.31 4.61
CA LEU A 43 -31.89 -4.50 4.06
C LEU A 43 -31.48 -5.54 5.10
N ARG A 44 -32.09 -5.47 6.27
CA ARG A 44 -31.78 -6.39 7.35
C ARG A 44 -32.02 -7.87 7.05
N ASP A 45 -33.25 -8.21 6.69
CA ASP A 45 -33.58 -9.58 6.38
C ASP A 45 -32.71 -10.17 5.26
N ILE A 46 -32.52 -9.45 4.16
CA ILE A 46 -31.69 -10.00 3.09
C ILE A 46 -30.25 -10.18 3.56
N CYS A 47 -29.73 -9.21 4.31
CA CYS A 47 -28.36 -9.32 4.81
C CYS A 47 -28.17 -10.53 5.73
N LEU A 48 -29.14 -10.75 6.62
CA LEU A 48 -29.08 -11.87 7.56
C LEU A 48 -29.25 -13.19 6.83
N GLU A 49 -30.15 -13.22 5.83
CA GLU A 49 -30.35 -14.46 5.08
C GLU A 49 -29.08 -14.80 4.33
N LEU A 50 -28.47 -13.80 3.70
CA LEU A 50 -27.25 -14.02 2.93
C LEU A 50 -26.16 -14.61 3.81
N GLY A 51 -25.98 -14.01 4.99
CA GLY A 51 -24.95 -14.44 5.92
C GLY A 51 -25.13 -15.86 6.42
N ARG A 52 -26.36 -16.17 6.82
CA ARG A 52 -26.68 -17.49 7.33
C ARG A 52 -26.51 -18.55 6.25
N THR A 53 -27.03 -18.26 5.07
CA THR A 53 -26.96 -19.18 3.96
C THR A 53 -25.51 -19.48 3.55
N LEU A 54 -24.65 -18.46 3.59
CA LEU A 54 -23.26 -18.68 3.21
C LEU A 54 -22.62 -19.60 4.23
N ALA A 55 -22.91 -19.35 5.50
CA ALA A 55 -22.37 -20.17 6.58
C ALA A 55 -22.86 -21.60 6.43
N LYS A 56 -24.17 -21.79 6.25
CA LYS A 56 -24.74 -23.13 6.12
C LYS A 56 -24.12 -23.92 4.97
N LYS A 57 -23.79 -23.23 3.88
CA LYS A 57 -23.20 -23.88 2.73
C LYS A 57 -21.71 -24.11 2.90
N GLY A 58 -21.16 -23.64 4.01
CA GLY A 58 -19.75 -23.84 4.27
C GLY A 58 -18.73 -22.89 3.65
N TYR A 59 -19.18 -21.75 3.13
CA TYR A 59 -18.26 -20.78 2.53
C TYR A 59 -17.59 -19.91 3.61
N LEU A 60 -16.35 -19.51 3.33
CA LEU A 60 -15.61 -18.65 4.23
C LEU A 60 -15.94 -17.21 3.81
N VAL A 61 -16.51 -16.41 4.71
CA VAL A 61 -16.90 -15.05 4.36
C VAL A 61 -15.93 -13.92 4.75
N PHE A 62 -15.69 -13.02 3.80
CA PHE A 62 -14.82 -11.85 4.00
C PHE A 62 -15.61 -10.58 3.70
N ASN A 63 -15.32 -9.52 4.46
CA ASN A 63 -15.95 -8.23 4.24
C ASN A 63 -15.10 -7.10 4.82
N GLY A 64 -15.46 -5.87 4.49
CA GLY A 64 -14.74 -4.70 4.95
C GLY A 64 -14.72 -4.43 6.45
N GLY A 65 -15.29 -5.37 7.21
CA GLY A 65 -15.28 -5.29 8.67
C GLY A 65 -16.01 -4.20 9.46
N ARG A 66 -16.55 -3.19 8.79
CA ARG A 66 -17.21 -2.10 9.51
C ARG A 66 -18.66 -2.45 9.90
N ASP A 67 -19.50 -1.42 9.91
CA ASP A 67 -20.92 -1.55 10.24
C ASP A 67 -21.76 -1.83 8.99
N GLY A 68 -22.98 -1.29 8.99
CA GLY A 68 -23.89 -1.45 7.86
C GLY A 68 -24.15 -2.87 7.40
N VAL A 69 -24.16 -3.06 6.08
CA VAL A 69 -24.38 -4.37 5.50
C VAL A 69 -23.33 -5.37 6.01
N MSE A 70 -22.09 -4.92 6.14
CA MSE A 70 -21.00 -5.77 6.61
C MSE A 70 -21.32 -6.38 7.98
O MSE A 70 -21.08 -7.56 8.22
CB MSE A 70 -19.68 -4.99 6.68
CG MSE A 70 -19.14 -4.50 5.33
SE MSE A 70 -17.89 -2.98 5.45
CE MSE A 70 -19.18 -1.59 5.93
N GLU A 71 -21.87 -5.57 8.88
CA GLU A 71 -22.20 -6.03 10.22
C GLU A 71 -23.31 -7.08 10.23
N LEU A 72 -24.36 -6.82 9.47
CA LEU A 72 -25.51 -7.71 9.40
C LEU A 72 -25.21 -9.05 8.76
N VAL A 73 -24.41 -9.03 7.69
CA VAL A 73 -24.03 -10.25 7.02
C VAL A 73 -23.18 -11.06 8.00
N SER A 74 -22.30 -10.38 8.73
CA SER A 74 -21.45 -11.05 9.69
C SER A 74 -22.29 -11.70 10.80
N GLN A 75 -23.26 -10.97 11.31
CA GLN A 75 -24.14 -11.49 12.36
C GLN A 75 -24.77 -12.78 11.84
N GLY A 76 -25.22 -12.74 10.60
CA GLY A 76 -25.85 -13.91 10.01
C GLY A 76 -24.92 -15.09 9.90
N VAL A 77 -23.65 -14.83 9.60
CA VAL A 77 -22.69 -15.90 9.46
C VAL A 77 -22.41 -16.53 10.82
N ARG A 78 -22.17 -15.68 11.81
CA ARG A 78 -21.89 -16.17 13.17
C ARG A 78 -23.09 -16.88 13.75
N GLU A 79 -24.28 -16.35 13.49
CA GLU A 79 -25.48 -16.98 13.99
C GLU A 79 -25.50 -18.44 13.56
N ALA A 80 -25.17 -18.68 12.30
CA ALA A 80 -25.15 -20.04 11.79
C ALA A 80 -23.86 -20.81 12.07
N GLY A 81 -22.98 -20.23 12.89
CA GLY A 81 -21.74 -20.91 13.22
C GLY A 81 -20.67 -20.89 12.15
N GLY A 82 -20.80 -20.02 11.16
CA GLY A 82 -19.80 -19.97 10.12
C GLY A 82 -18.70 -19.04 10.54
N THR A 83 -17.66 -18.94 9.73
CA THR A 83 -16.54 -18.05 10.02
C THR A 83 -16.58 -16.86 9.08
N VAL A 84 -16.36 -15.67 9.63
CA VAL A 84 -16.36 -14.47 8.81
C VAL A 84 -15.17 -13.62 9.23
N VAL A 85 -14.36 -13.26 8.25
CA VAL A 85 -13.15 -12.49 8.47
C VAL A 85 -13.25 -11.05 7.96
N GLY A 86 -12.86 -10.11 8.80
CA GLY A 86 -12.92 -8.71 8.42
C GLY A 86 -11.57 -8.11 8.08
N ILE A 87 -11.53 -7.35 6.99
CA ILE A 87 -10.30 -6.67 6.55
C ILE A 87 -10.60 -5.21 6.87
N LEU A 88 -9.92 -4.68 7.87
CA LEU A 88 -10.15 -3.32 8.32
C LEU A 88 -9.24 -2.24 7.80
N PRO A 89 -9.84 -1.08 7.47
CA PRO A 89 -9.06 0.05 6.99
C PRO A 89 -8.37 0.57 8.24
N ASP A 90 -7.13 1.04 8.08
CA ASP A 90 -6.35 1.56 9.20
C ASP A 90 -6.29 0.55 10.34
N GLU A 91 -6.26 1.05 11.56
CA GLU A 91 -6.21 0.21 12.74
C GLU A 91 -7.58 0.19 13.40
N GLU A 92 -8.61 0.13 12.55
CA GLU A 92 -9.99 0.10 13.01
C GLU A 92 -10.32 -1.05 13.95
N ALA A 93 -11.52 -1.00 14.51
CA ALA A 93 -11.97 -2.01 15.47
C ALA A 93 -12.73 -3.17 14.85
N GLY A 94 -13.66 -2.83 13.97
CA GLY A 94 -14.46 -3.86 13.31
C GLY A 94 -15.76 -4.12 14.06
N ASN A 95 -16.75 -4.65 13.35
CA ASN A 95 -18.02 -4.94 13.98
C ASN A 95 -17.80 -6.11 14.95
N PRO A 96 -18.66 -6.23 15.98
CA PRO A 96 -18.53 -7.29 16.98
C PRO A 96 -18.92 -8.73 16.60
N TYR A 97 -18.99 -9.03 15.31
CA TYR A 97 -19.34 -10.39 14.91
C TYR A 97 -18.22 -11.05 14.13
N LEU A 98 -17.11 -10.33 13.97
CA LEU A 98 -15.99 -10.85 13.22
C LEU A 98 -15.30 -12.03 13.92
N SER A 99 -15.11 -13.13 13.19
CA SER A 99 -14.43 -14.29 13.76
C SER A 99 -12.98 -13.88 13.94
N VAL A 100 -12.47 -13.13 12.97
CA VAL A 100 -11.11 -12.63 12.98
C VAL A 100 -11.18 -11.23 12.40
N ALA A 101 -10.49 -10.27 13.02
CA ALA A 101 -10.44 -8.89 12.54
C ALA A 101 -9.00 -8.65 12.09
N VAL A 102 -8.81 -8.28 10.82
CA VAL A 102 -7.47 -8.03 10.30
C VAL A 102 -7.23 -6.56 10.02
N LYS A 103 -6.34 -5.96 10.79
CA LYS A 103 -6.00 -4.55 10.59
C LYS A 103 -5.02 -4.45 9.44
N THR A 104 -5.03 -3.34 8.71
CA THR A 104 -4.12 -3.19 7.58
C THR A 104 -3.31 -1.90 7.59
N GLY A 105 -3.85 -0.85 8.20
CA GLY A 105 -3.13 0.41 8.21
C GLY A 105 -3.28 1.08 6.86
N LEU A 106 -4.25 0.63 6.07
CA LEU A 106 -4.49 1.20 4.75
C LEU A 106 -5.79 1.99 4.74
N ASP A 107 -5.89 2.98 3.85
CA ASP A 107 -7.13 3.74 3.77
C ASP A 107 -8.23 2.86 3.16
N PHE A 108 -9.45 3.38 3.15
CA PHE A 108 -10.61 2.65 2.63
C PHE A 108 -10.50 1.93 1.29
N GLN A 109 -10.05 2.64 0.26
CA GLN A 109 -9.92 2.08 -1.07
C GLN A 109 -8.87 0.99 -1.22
N MSE A 110 -7.67 1.23 -0.71
CA MSE A 110 -6.62 0.21 -0.80
C MSE A 110 -6.97 -1.01 0.05
O MSE A 110 -6.69 -2.15 -0.36
CB MSE A 110 -5.29 0.83 -0.39
CG MSE A 110 -4.84 1.86 -1.42
SE MSE A 110 -3.13 2.65 -1.10
CE MSE A 110 -3.45 3.27 0.71
N ARG A 111 -7.61 -0.79 1.19
CA ARG A 111 -8.04 -1.89 2.06
C ARG A 111 -8.98 -2.77 1.23
N SER A 112 -9.79 -2.11 0.39
CA SER A 112 -10.74 -2.81 -0.48
C SER A 112 -10.03 -3.70 -1.48
N PHE A 113 -8.90 -3.23 -2.00
CA PHE A 113 -8.18 -4.05 -2.95
C PHE A 113 -7.51 -5.25 -2.33
N VAL A 114 -7.15 -5.19 -1.05
CA VAL A 114 -6.56 -6.39 -0.47
C VAL A 114 -7.72 -7.29 -0.07
N LEU A 115 -8.90 -6.69 0.10
CA LEU A 115 -10.10 -7.44 0.46
C LEU A 115 -10.51 -8.27 -0.76
N LEU A 116 -10.45 -7.65 -1.93
CA LEU A 116 -10.81 -8.32 -3.18
C LEU A 116 -9.89 -9.48 -3.56
N ARG A 117 -8.64 -9.45 -3.09
CA ARG A 117 -7.70 -10.52 -3.39
C ARG A 117 -8.13 -11.78 -2.69
N ASN A 118 -8.99 -11.64 -1.69
CA ASN A 118 -9.45 -12.78 -0.94
C ASN A 118 -10.79 -13.33 -1.42
N ALA A 119 -11.11 -13.08 -2.68
CA ALA A 119 -12.38 -13.54 -3.20
C ALA A 119 -12.34 -14.48 -4.38
N ASP A 120 -13.24 -15.46 -4.35
CA ASP A 120 -13.40 -16.39 -5.46
C ASP A 120 -14.63 -15.82 -6.16
N VAL A 121 -15.40 -15.05 -5.41
CA VAL A 121 -16.61 -14.42 -5.92
C VAL A 121 -17.05 -13.30 -4.99
N VAL A 122 -17.59 -12.23 -5.57
CA VAL A 122 -18.06 -11.09 -4.80
C VAL A 122 -19.57 -10.89 -4.90
N VAL A 123 -20.23 -10.68 -3.77
CA VAL A 123 -21.68 -10.46 -3.70
C VAL A 123 -21.84 -9.04 -3.20
N SER A 124 -22.66 -8.27 -3.92
CA SER A 124 -22.90 -6.86 -3.63
C SER A 124 -24.31 -6.54 -3.15
N ILE A 125 -24.41 -5.69 -2.14
CA ILE A 125 -25.71 -5.26 -1.58
C ILE A 125 -25.71 -3.75 -1.34
N GLY A 126 -26.62 -3.05 -2.01
CA GLY A 126 -26.73 -1.61 -1.86
C GLY A 126 -25.41 -0.93 -2.13
N GLY A 127 -24.98 -0.08 -1.20
CA GLY A 127 -23.69 0.56 -1.33
C GLY A 127 -23.55 1.93 -1.98
N GLU A 128 -22.59 2.67 -1.44
CA GLU A 128 -22.26 3.99 -1.96
C GLU A 128 -20.96 3.87 -2.74
N ILE A 129 -20.25 4.98 -2.90
CA ILE A 129 -19.04 4.97 -3.71
C ILE A 129 -18.05 3.85 -3.41
N GLY A 130 -17.86 3.53 -2.14
CA GLY A 130 -16.94 2.46 -1.79
C GLY A 130 -17.29 1.14 -2.45
N THR A 131 -18.56 0.80 -2.37
CA THR A 131 -19.04 -0.45 -2.92
C THR A 131 -18.90 -0.44 -4.46
N ALA A 132 -19.03 0.74 -5.03
CA ALA A 132 -18.91 0.90 -6.47
C ALA A 132 -17.47 0.62 -6.91
N ILE A 133 -16.52 1.15 -6.15
CA ILE A 133 -15.11 0.98 -6.43
C ILE A 133 -14.75 -0.51 -6.30
N GLU A 134 -15.36 -1.16 -5.31
CA GLU A 134 -15.11 -2.58 -5.08
C GLU A 134 -15.68 -3.45 -6.20
N ILE A 135 -16.87 -3.10 -6.69
CA ILE A 135 -17.52 -3.84 -7.76
C ILE A 135 -16.64 -3.72 -9.02
N LEU A 136 -16.22 -2.50 -9.35
CA LEU A 136 -15.38 -2.27 -10.52
C LEU A 136 -14.01 -2.91 -10.35
N GLY A 137 -13.49 -2.82 -9.12
CA GLY A 137 -12.20 -3.39 -8.81
C GLY A 137 -12.23 -4.90 -8.95
N ALA A 138 -13.29 -5.51 -8.43
CA ALA A 138 -13.48 -6.96 -8.51
C ALA A 138 -13.36 -7.42 -9.96
N TYR A 139 -14.04 -6.68 -10.84
CA TYR A 139 -14.05 -6.97 -12.26
C TYR A 139 -12.67 -6.82 -12.92
N ALA A 140 -11.92 -5.79 -12.54
CA ALA A 140 -10.61 -5.57 -13.09
C ALA A 140 -9.66 -6.69 -12.69
N LEU A 141 -9.96 -7.35 -11.57
CA LEU A 141 -9.13 -8.44 -11.04
C LEU A 141 -9.59 -9.85 -11.51
N GLY A 142 -10.66 -9.91 -12.28
CA GLY A 142 -11.15 -11.20 -12.75
C GLY A 142 -12.00 -11.97 -11.74
N LYS A 143 -12.60 -11.27 -10.80
CA LYS A 143 -13.44 -11.90 -9.79
C LYS A 143 -14.89 -11.79 -10.19
N PRO A 144 -15.58 -12.92 -10.30
CA PRO A 144 -16.99 -12.83 -10.66
C PRO A 144 -17.75 -12.10 -9.56
N VAL A 145 -18.67 -11.25 -10.00
CA VAL A 145 -19.49 -10.45 -9.11
C VAL A 145 -20.95 -10.85 -9.30
N ILE A 146 -21.66 -10.94 -8.18
CA ILE A 146 -23.07 -11.23 -8.21
C ILE A 146 -23.75 -10.05 -7.53
N LEU A 147 -24.55 -9.31 -8.30
CA LEU A 147 -25.26 -8.15 -7.77
C LEU A 147 -26.57 -8.67 -7.20
N LEU A 148 -26.86 -8.31 -5.97
CA LEU A 148 -28.12 -8.75 -5.36
C LEU A 148 -29.06 -7.58 -5.62
N ARG A 149 -29.79 -7.66 -6.72
CA ARG A 149 -30.71 -6.61 -7.16
C ARG A 149 -31.86 -6.30 -6.21
N GLY A 150 -32.41 -5.10 -6.36
CA GLY A 150 -33.52 -4.69 -5.52
C GLY A 150 -33.04 -4.10 -4.23
N THR A 151 -31.74 -4.22 -3.95
CA THR A 151 -31.16 -3.71 -2.70
C THR A 151 -30.68 -2.25 -2.83
N GLY A 152 -30.94 -1.66 -3.99
CA GLY A 152 -30.57 -0.27 -4.21
C GLY A 152 -29.10 0.11 -4.25
N GLY A 153 -28.85 1.42 -4.16
CA GLY A 153 -27.49 1.95 -4.18
C GLY A 153 -26.78 1.67 -5.50
N TRP A 154 -25.49 1.41 -5.45
CA TRP A 154 -24.74 1.13 -6.67
C TRP A 154 -24.96 -0.28 -7.21
N THR A 155 -25.47 -1.17 -6.38
CA THR A 155 -25.70 -2.55 -6.83
C THR A 155 -26.72 -2.53 -7.94
N ASP A 156 -27.71 -1.66 -7.82
CA ASP A 156 -28.74 -1.55 -8.85
C ASP A 156 -28.32 -0.55 -9.92
N ARG A 157 -27.72 0.55 -9.48
CA ARG A 157 -27.28 1.58 -10.41
C ARG A 157 -26.29 1.07 -11.47
N ILE A 158 -25.33 0.24 -11.06
CA ILE A 158 -24.31 -0.28 -11.97
C ILE A 158 -24.87 -1.21 -13.06
N SER A 159 -26.09 -1.71 -12.87
CA SER A 159 -26.68 -2.61 -13.85
C SER A 159 -27.22 -1.86 -15.07
N GLN A 160 -27.30 -0.55 -14.96
CA GLN A 160 -27.80 0.24 -16.06
C GLN A 160 -26.72 0.64 -17.07
N VAL A 161 -25.48 0.20 -16.83
CA VAL A 161 -24.37 0.50 -17.73
C VAL A 161 -23.52 -0.71 -18.14
N LEU A 162 -24.12 -1.89 -18.13
CA LEU A 162 -23.43 -3.10 -18.50
C LEU A 162 -23.33 -3.26 -20.01
N ILE A 163 -22.16 -3.67 -20.46
CA ILE A 163 -21.91 -3.87 -21.87
C ILE A 163 -22.40 -5.30 -22.13
N ASP A 164 -23.28 -5.48 -23.10
CA ASP A 164 -23.83 -6.80 -23.43
C ASP A 164 -24.52 -7.44 -22.23
N GLY A 165 -25.09 -6.61 -21.36
CA GLY A 165 -25.76 -7.11 -20.17
C GLY A 165 -24.89 -7.91 -19.21
N LYS A 166 -23.57 -7.84 -19.36
CA LYS A 166 -22.72 -8.64 -18.48
C LYS A 166 -21.38 -8.02 -18.09
N TYR A 167 -20.90 -7.06 -18.88
CA TYR A 167 -19.58 -6.50 -18.63
C TYR A 167 -19.43 -5.03 -18.23
N LEU A 168 -18.31 -4.74 -17.56
CA LEU A 168 -18.00 -3.39 -17.10
C LEU A 168 -16.97 -2.62 -17.94
N ASP A 169 -16.43 -3.25 -18.98
CA ASP A 169 -15.47 -2.61 -19.92
C ASP A 169 -15.22 -3.51 -21.13
N ASN A 170 -14.78 -2.92 -22.23
CA ASN A 170 -14.59 -3.68 -23.47
C ASN A 170 -13.58 -4.81 -23.55
N ARG A 171 -13.00 -5.18 -22.43
CA ARG A 171 -12.05 -6.28 -22.42
C ARG A 171 -12.78 -7.50 -21.87
N ARG A 172 -14.03 -7.26 -21.47
CA ARG A 172 -14.91 -8.27 -20.91
C ARG A 172 -14.19 -9.24 -20.00
N ILE A 173 -13.44 -8.69 -19.04
CA ILE A 173 -12.66 -9.50 -18.12
C ILE A 173 -13.42 -10.64 -17.46
N VAL A 174 -14.56 -10.37 -16.84
CA VAL A 174 -15.35 -11.42 -16.19
C VAL A 174 -16.81 -10.99 -16.14
N GLU A 175 -17.72 -11.95 -16.08
CA GLU A 175 -19.15 -11.63 -16.09
C GLU A 175 -19.70 -11.08 -14.77
N ILE A 176 -20.57 -10.09 -14.87
CA ILE A 176 -21.20 -9.52 -13.70
C ILE A 176 -22.58 -10.17 -13.63
N HIS A 177 -22.76 -11.11 -12.70
CA HIS A 177 -24.04 -11.76 -12.56
C HIS A 177 -25.05 -10.91 -11.76
N GLN A 178 -26.32 -11.22 -11.96
CA GLN A 178 -27.42 -10.54 -11.28
C GLN A 178 -28.34 -11.60 -10.66
N ALA A 179 -28.81 -11.33 -9.45
CA ALA A 179 -29.72 -12.22 -8.73
C ALA A 179 -30.71 -11.36 -7.99
N TRP A 180 -31.95 -11.81 -7.88
CA TRP A 180 -32.96 -11.03 -7.17
C TRP A 180 -33.34 -11.66 -5.86
N THR A 181 -32.58 -12.66 -5.45
CA THR A 181 -32.90 -13.37 -4.22
C THR A 181 -31.66 -14.01 -3.65
N VAL A 182 -31.60 -14.14 -2.33
CA VAL A 182 -30.43 -14.76 -1.73
C VAL A 182 -30.28 -16.18 -2.28
N GLU A 183 -31.39 -16.90 -2.34
CA GLU A 183 -31.35 -18.27 -2.84
C GLU A 183 -30.81 -18.28 -4.26
N GLU A 184 -31.18 -17.28 -5.05
CA GLU A 184 -30.71 -17.19 -6.43
C GLU A 184 -29.20 -16.92 -6.43
N ALA A 185 -28.76 -16.03 -5.54
CA ALA A 185 -27.35 -15.67 -5.42
C ALA A 185 -26.42 -16.85 -5.13
N VAL A 186 -26.74 -17.63 -4.09
CA VAL A 186 -25.92 -18.77 -3.74
C VAL A 186 -25.95 -19.84 -4.82
N GLN A 187 -27.04 -19.86 -5.56
CA GLN A 187 -27.22 -20.81 -6.63
C GLN A 187 -26.19 -20.53 -7.72
N ILE A 188 -26.01 -19.24 -8.00
CA ILE A 188 -25.06 -18.80 -9.02
C ILE A 188 -23.61 -19.10 -8.57
N ILE A 189 -23.34 -18.93 -7.28
CA ILE A 189 -22.00 -19.21 -6.74
C ILE A 189 -21.69 -20.69 -6.91
N GLU A 190 -22.67 -21.55 -6.61
CA GLU A 190 -22.49 -22.98 -6.74
C GLU A 190 -22.24 -23.30 -8.21
N GLN A 191 -23.02 -22.68 -9.08
CA GLN A 191 -22.88 -22.86 -10.53
C GLN A 191 -21.50 -22.34 -10.97
N ILE A 192 -20.65 -22.05 -9.99
CA ILE A 192 -19.32 -21.48 -10.20
C ILE A 192 -19.41 -20.19 -11.01
N MSE B 23 -7.74 -12.36 24.43
CA MSE B 23 -7.75 -11.99 22.97
C MSE B 23 -6.63 -10.99 22.65
O MSE B 23 -6.80 -10.07 21.86
CB MSE B 23 -9.11 -11.42 22.57
CG MSE B 23 -10.12 -11.39 23.71
SE MSE B 23 -11.94 -11.65 23.11
CE MSE B 23 -12.09 -13.58 23.29
N LYS B 24 -5.49 -11.20 23.30
CA LYS B 24 -4.31 -10.37 23.06
C LYS B 24 -3.81 -10.93 21.75
N LYS B 25 -3.43 -10.06 20.82
CA LYS B 25 -2.94 -10.54 19.53
C LYS B 25 -1.42 -10.50 19.52
N VAL B 26 -0.82 -11.65 19.33
CA VAL B 26 0.62 -11.70 19.30
C VAL B 26 1.12 -12.09 17.91
N VAL B 27 2.02 -11.28 17.37
CA VAL B 27 2.62 -11.54 16.07
C VAL B 27 3.99 -12.17 16.32
N VAL B 28 4.30 -13.25 15.61
CA VAL B 28 5.58 -13.91 15.72
C VAL B 28 6.22 -13.80 14.36
N VAL B 29 7.50 -13.48 14.34
CA VAL B 29 8.22 -13.34 13.09
C VAL B 29 9.58 -14.00 13.25
N GLY B 30 10.13 -14.46 12.14
CA GLY B 30 11.42 -15.14 12.15
C GLY B 30 11.82 -15.72 10.79
N TYR B 31 12.84 -16.56 10.79
CA TYR B 31 13.37 -17.18 9.58
C TYR B 31 12.33 -17.71 8.62
N SER B 32 12.64 -17.58 7.34
CA SER B 32 11.76 -18.13 6.31
C SER B 32 12.67 -19.16 5.67
N GLY B 33 12.13 -20.00 4.81
CA GLY B 33 12.96 -21.00 4.16
C GLY B 33 12.64 -22.44 4.54
N PRO B 34 13.36 -23.41 3.94
CA PRO B 34 13.16 -24.84 4.20
C PRO B 34 13.07 -25.08 5.70
N VAL B 35 11.98 -25.70 6.13
CA VAL B 35 11.72 -25.96 7.55
C VAL B 35 12.44 -27.18 8.11
N ASN B 36 13.21 -27.86 7.26
CA ASN B 36 13.93 -29.05 7.69
C ASN B 36 15.45 -28.89 7.70
N LYS B 37 15.93 -27.72 7.29
CA LYS B 37 17.37 -27.48 7.23
C LYS B 37 17.85 -26.28 8.05
N SER B 38 19.17 -26.18 8.19
CA SER B 38 19.77 -25.07 8.93
C SER B 38 19.35 -23.78 8.23
N PRO B 39 19.14 -22.70 9.00
CA PRO B 39 19.27 -22.58 10.45
C PRO B 39 17.97 -22.76 11.24
N VAL B 40 16.87 -22.97 10.54
CA VAL B 40 15.57 -23.14 11.18
C VAL B 40 15.24 -24.53 11.78
N SER B 41 15.80 -25.60 11.22
CA SER B 41 15.52 -26.94 11.75
C SER B 41 15.87 -27.09 13.24
N GLU B 42 16.97 -26.47 13.66
CA GLU B 42 17.41 -26.52 15.06
C GLU B 42 16.45 -25.83 16.03
N LEU B 43 15.71 -24.83 15.54
CA LEU B 43 14.74 -24.12 16.38
C LEU B 43 13.41 -24.87 16.40
N ARG B 44 13.38 -26.03 15.74
CA ARG B 44 12.18 -26.86 15.67
C ARG B 44 11.35 -26.94 16.95
N ASP B 45 12.00 -27.10 18.08
CA ASP B 45 11.31 -27.23 19.37
C ASP B 45 10.85 -25.93 20.02
N ILE B 46 11.68 -24.90 20.00
CA ILE B 46 11.29 -23.64 20.58
C ILE B 46 10.12 -23.04 19.78
N CYS B 47 10.10 -23.27 18.47
CA CYS B 47 9.03 -22.77 17.61
C CYS B 47 7.73 -23.48 17.87
N LEU B 48 7.76 -24.79 17.78
CA LEU B 48 6.57 -25.61 18.01
C LEU B 48 6.04 -25.35 19.41
N GLU B 49 6.96 -25.19 20.37
CA GLU B 49 6.60 -24.96 21.76
C GLU B 49 6.01 -23.58 22.00
N LEU B 50 6.57 -22.56 21.35
CA LEU B 50 6.03 -21.23 21.51
C LEU B 50 4.61 -21.27 20.98
N GLY B 51 4.46 -21.95 19.84
CA GLY B 51 3.16 -22.06 19.22
C GLY B 51 2.11 -22.65 20.15
N ARG B 52 2.39 -23.84 20.67
CA ARG B 52 1.44 -24.52 21.56
C ARG B 52 1.14 -23.73 22.81
N THR B 53 2.18 -23.11 23.36
CA THR B 53 2.00 -22.32 24.58
C THR B 53 1.12 -21.11 24.30
N LEU B 54 1.44 -20.38 23.23
CA LEU B 54 0.66 -19.20 22.84
C LEU B 54 -0.81 -19.59 22.75
N ALA B 55 -1.05 -20.73 22.11
CA ALA B 55 -2.39 -21.28 21.92
C ALA B 55 -3.08 -21.69 23.22
N LYS B 56 -2.38 -22.47 24.07
CA LYS B 56 -2.96 -22.90 25.33
C LYS B 56 -3.31 -21.72 26.23
N LYS B 57 -2.57 -20.63 26.10
CA LYS B 57 -2.85 -19.44 26.91
C LYS B 57 -4.04 -18.65 26.37
N GLY B 58 -4.56 -19.07 25.22
CA GLY B 58 -5.72 -18.42 24.61
C GLY B 58 -5.44 -17.29 23.64
N TYR B 59 -4.16 -17.02 23.40
CA TYR B 59 -3.77 -15.94 22.50
C TYR B 59 -3.99 -16.27 21.02
N LEU B 60 -4.40 -15.25 20.27
CA LEU B 60 -4.62 -15.33 18.82
C LEU B 60 -3.27 -15.03 18.15
N VAL B 61 -2.82 -15.86 17.21
CA VAL B 61 -1.51 -15.66 16.59
C VAL B 61 -1.46 -15.26 15.10
N PHE B 62 -0.60 -14.30 14.79
CA PHE B 62 -0.40 -13.82 13.42
C PHE B 62 1.06 -13.97 12.96
N ASN B 63 1.26 -14.25 11.68
CA ASN B 63 2.61 -14.37 11.14
C ASN B 63 2.61 -14.14 9.62
N GLY B 64 3.81 -14.01 9.05
CA GLY B 64 3.96 -13.80 7.61
C GLY B 64 3.48 -14.94 6.74
N GLY B 65 2.79 -15.91 7.36
CA GLY B 65 2.20 -17.06 6.69
C GLY B 65 3.02 -17.96 5.76
N ARG B 66 4.31 -17.68 5.61
CA ARG B 66 5.13 -18.49 4.74
C ARG B 66 5.69 -19.70 5.49
N ASP B 67 6.94 -20.05 5.22
CA ASP B 67 7.58 -21.19 5.87
C ASP B 67 8.61 -20.77 6.92
N GLY B 68 9.52 -21.69 7.23
CA GLY B 68 10.55 -21.41 8.23
C GLY B 68 9.97 -21.34 9.62
N VAL B 69 10.47 -20.44 10.45
CA VAL B 69 9.96 -20.29 11.82
C VAL B 69 8.45 -20.17 11.77
N MSE B 70 7.96 -19.31 10.87
CA MSE B 70 6.53 -19.06 10.69
C MSE B 70 5.70 -20.34 10.60
O MSE B 70 4.61 -20.41 11.16
CB MSE B 70 6.31 -18.21 9.42
CG MSE B 70 6.88 -16.79 9.45
SE MSE B 70 6.84 -15.95 7.68
CE MSE B 70 8.75 -15.81 7.37
N GLU B 71 6.20 -21.35 9.90
CA GLU B 71 5.43 -22.60 9.75
C GLU B 71 5.33 -23.47 11.00
N LEU B 72 6.43 -23.62 11.70
CA LEU B 72 6.45 -24.44 12.91
C LEU B 72 5.62 -23.84 14.03
N VAL B 73 5.65 -22.52 14.14
CA VAL B 73 4.86 -21.86 15.16
C VAL B 73 3.39 -22.05 14.78
N SER B 74 3.11 -22.08 13.48
CA SER B 74 1.73 -22.28 13.01
C SER B 74 1.32 -23.66 13.42
N GLN B 75 2.16 -24.62 13.06
CA GLN B 75 1.95 -26.03 13.35
C GLN B 75 1.77 -26.26 14.85
N GLY B 76 2.52 -25.51 15.66
CA GLY B 76 2.43 -25.67 17.11
C GLY B 76 1.13 -25.15 17.68
N VAL B 77 0.58 -24.14 17.03
CA VAL B 77 -0.68 -23.53 17.45
C VAL B 77 -1.87 -24.44 17.14
N ARG B 78 -1.80 -25.10 15.99
CA ARG B 78 -2.88 -26.00 15.57
C ARG B 78 -2.80 -27.28 16.40
N GLU B 79 -1.58 -27.75 16.64
CA GLU B 79 -1.36 -28.97 17.42
C GLU B 79 -1.98 -28.85 18.80
N ALA B 80 -2.07 -27.61 19.28
CA ALA B 80 -2.64 -27.32 20.59
C ALA B 80 -4.05 -26.75 20.43
N GLY B 81 -4.56 -26.80 19.21
CA GLY B 81 -5.90 -26.32 18.92
C GLY B 81 -6.26 -24.85 19.00
N GLY B 82 -5.32 -23.99 18.64
CA GLY B 82 -5.61 -22.56 18.68
C GLY B 82 -5.88 -22.06 17.27
N THR B 83 -5.78 -20.75 17.10
CA THR B 83 -5.99 -20.12 15.80
C THR B 83 -4.74 -19.34 15.40
N VAL B 84 -4.37 -19.47 14.13
CA VAL B 84 -3.20 -18.76 13.63
C VAL B 84 -3.53 -18.19 12.25
N VAL B 85 -3.52 -16.86 12.18
CA VAL B 85 -3.81 -16.14 10.95
C VAL B 85 -2.52 -15.71 10.24
N GLY B 86 -2.44 -16.03 8.95
CA GLY B 86 -1.27 -15.63 8.18
C GLY B 86 -1.59 -14.49 7.22
N ILE B 87 -0.67 -13.52 7.12
CA ILE B 87 -0.83 -12.39 6.21
C ILE B 87 0.19 -12.67 5.10
N LEU B 88 -0.29 -12.94 3.90
CA LEU B 88 0.56 -13.29 2.77
C LEU B 88 1.05 -12.21 1.84
N PRO B 89 2.28 -12.37 1.32
CA PRO B 89 2.79 -11.38 0.40
C PRO B 89 2.11 -11.72 -0.92
N ASP B 90 1.62 -10.69 -1.60
CA ASP B 90 0.96 -10.80 -2.89
C ASP B 90 0.02 -11.97 -3.17
N GLU B 91 0.54 -13.00 -3.82
CA GLU B 91 -0.29 -14.13 -4.20
C GLU B 91 0.22 -15.52 -3.81
N GLU B 92 1.08 -15.58 -2.81
CA GLU B 92 1.64 -16.85 -2.37
C GLU B 92 0.65 -17.70 -1.58
N ALA B 93 0.90 -18.99 -1.49
CA ALA B 93 -0.01 -19.92 -0.83
C ALA B 93 -0.21 -19.93 0.68
N GLY B 94 0.90 -19.92 1.43
CA GLY B 94 0.83 -19.95 2.88
C GLY B 94 0.92 -21.37 3.40
N ASN B 95 1.74 -21.59 4.43
CA ASN B 95 1.93 -22.92 5.01
C ASN B 95 0.58 -23.59 5.26
N PRO B 96 0.56 -24.93 5.25
CA PRO B 96 -0.69 -25.67 5.46
C PRO B 96 -1.30 -25.72 6.87
N TYR B 97 -0.78 -24.95 7.82
CA TYR B 97 -1.38 -24.99 9.17
C TYR B 97 -2.27 -23.77 9.49
N LEU B 98 -2.17 -22.74 8.66
CA LEU B 98 -2.95 -21.52 8.85
C LEU B 98 -4.44 -21.77 9.02
N SER B 99 -5.03 -21.18 10.04
CA SER B 99 -6.46 -21.30 10.28
C SER B 99 -7.12 -20.46 9.18
N VAL B 100 -6.48 -19.34 8.85
CA VAL B 100 -6.97 -18.40 7.85
C VAL B 100 -5.76 -17.84 7.10
N ALA B 101 -5.83 -17.81 5.78
CA ALA B 101 -4.74 -17.31 4.96
C ALA B 101 -5.20 -16.03 4.28
N VAL B 102 -4.66 -14.88 4.70
CA VAL B 102 -5.07 -13.61 4.12
C VAL B 102 -4.12 -13.12 3.04
N LYS B 103 -4.64 -12.97 1.82
CA LYS B 103 -3.83 -12.50 0.70
C LYS B 103 -3.85 -10.97 0.72
N THR B 104 -2.76 -10.33 0.29
CA THR B 104 -2.73 -8.88 0.32
C THR B 104 -2.50 -8.16 -1.00
N GLY B 105 -1.63 -8.70 -1.84
CA GLY B 105 -1.32 -8.08 -3.13
C GLY B 105 -0.18 -7.11 -2.90
N LEU B 106 0.51 -7.28 -1.77
CA LEU B 106 1.62 -6.42 -1.41
C LEU B 106 2.91 -7.23 -1.42
N ASP B 107 4.05 -6.56 -1.62
CA ASP B 107 5.32 -7.28 -1.61
C ASP B 107 5.65 -7.66 -0.17
N PHE B 108 6.81 -8.30 0.04
CA PHE B 108 7.24 -8.73 1.36
C PHE B 108 7.35 -7.70 2.46
N GLN B 109 7.90 -6.54 2.15
CA GLN B 109 8.05 -5.55 3.17
C GLN B 109 6.74 -4.86 3.56
N MSE B 110 5.90 -4.54 2.59
CA MSE B 110 4.63 -3.89 2.91
C MSE B 110 3.65 -4.84 3.58
O MSE B 110 2.83 -4.43 4.40
CB MSE B 110 4.06 -3.26 1.67
CG MSE B 110 4.88 -2.07 1.21
SE MSE B 110 4.20 -1.15 -0.34
CE MSE B 110 4.05 -2.68 -1.53
N ARG B 111 3.73 -6.11 3.22
CA ARG B 111 2.87 -7.12 3.82
C ARG B 111 3.17 -7.12 5.33
N SER B 112 4.46 -7.00 5.66
CA SER B 112 4.96 -6.99 7.04
C SER B 112 4.36 -5.86 7.87
N PHE B 113 4.19 -4.69 7.27
CA PHE B 113 3.62 -3.61 8.01
C PHE B 113 2.13 -3.80 8.26
N VAL B 114 1.40 -4.48 7.36
CA VAL B 114 -0.01 -4.68 7.66
C VAL B 114 -0.06 -5.78 8.75
N LEU B 115 0.90 -6.69 8.69
CA LEU B 115 1.03 -7.77 9.68
C LEU B 115 1.24 -7.16 11.09
N LEU B 116 2.18 -6.22 11.19
CA LEU B 116 2.51 -5.58 12.46
C LEU B 116 1.35 -4.82 13.08
N ARG B 117 0.43 -4.35 12.24
CA ARG B 117 -0.73 -3.62 12.73
C ARG B 117 -1.64 -4.53 13.53
N ASN B 118 -1.44 -5.85 13.41
CA ASN B 118 -2.28 -6.82 14.11
C ASN B 118 -1.69 -7.37 15.39
N ALA B 119 -0.68 -6.68 15.91
CA ALA B 119 -0.01 -7.11 17.11
C ALA B 119 -0.18 -6.24 18.35
N ASP B 120 -0.32 -6.89 19.49
CA ASP B 120 -0.38 -6.20 20.78
C ASP B 120 1.04 -6.33 21.29
N VAL B 121 1.71 -7.37 20.79
CA VAL B 121 3.09 -7.67 21.10
C VAL B 121 3.70 -8.54 19.98
N VAL B 122 4.98 -8.36 19.71
CA VAL B 122 5.71 -9.12 18.68
C VAL B 122 6.81 -10.01 19.28
N VAL B 123 6.83 -11.28 18.89
CA VAL B 123 7.85 -12.21 19.37
C VAL B 123 8.73 -12.57 18.18
N SER B 124 10.04 -12.43 18.39
CA SER B 124 11.04 -12.67 17.37
C SER B 124 11.91 -13.92 17.62
N ILE B 125 12.07 -14.72 16.57
CA ILE B 125 12.91 -15.92 16.59
C ILE B 125 13.83 -15.89 15.35
N GLY B 126 15.13 -16.09 15.57
CA GLY B 126 16.08 -16.08 14.47
C GLY B 126 15.87 -14.93 13.49
N GLY B 127 15.78 -15.29 12.22
CA GLY B 127 15.52 -14.32 11.17
C GLY B 127 16.64 -13.66 10.39
N GLU B 128 16.33 -13.30 9.15
CA GLU B 128 17.26 -12.62 8.28
C GLU B 128 16.76 -11.18 8.13
N ILE B 129 17.00 -10.58 6.97
CA ILE B 129 16.59 -9.18 6.81
C ILE B 129 15.08 -8.91 6.96
N GLY B 130 14.24 -9.82 6.45
CA GLY B 130 12.81 -9.63 6.56
C GLY B 130 12.41 -9.45 8.02
N THR B 131 12.99 -10.28 8.87
CA THR B 131 12.70 -10.22 10.30
C THR B 131 13.27 -8.96 10.93
N ALA B 132 14.43 -8.51 10.47
CA ALA B 132 15.03 -7.31 11.02
C ALA B 132 14.11 -6.12 10.75
N ILE B 133 13.60 -6.05 9.53
CA ILE B 133 12.72 -4.97 9.17
C ILE B 133 11.49 -5.02 10.06
N GLU B 134 10.96 -6.21 10.33
CA GLU B 134 9.79 -6.34 11.17
C GLU B 134 10.09 -5.93 12.61
N ILE B 135 11.24 -6.33 13.14
CA ILE B 135 11.62 -5.96 14.50
C ILE B 135 11.70 -4.43 14.61
N LEU B 136 12.38 -3.80 13.65
CA LEU B 136 12.50 -2.35 13.66
C LEU B 136 11.15 -1.70 13.42
N GLY B 137 10.32 -2.29 12.54
CA GLY B 137 9.02 -1.72 12.26
C GLY B 137 8.08 -1.83 13.45
N ALA B 138 8.19 -2.91 14.20
CA ALA B 138 7.34 -3.10 15.36
C ALA B 138 7.58 -1.93 16.31
N TYR B 139 8.86 -1.60 16.48
CA TYR B 139 9.28 -0.52 17.36
C TYR B 139 8.81 0.85 16.88
N ALA B 140 8.88 1.08 15.58
CA ALA B 140 8.44 2.36 15.05
C ALA B 140 6.94 2.53 15.19
N LEU B 141 6.19 1.42 15.21
CA LEU B 141 4.75 1.49 15.36
C LEU B 141 4.35 1.50 16.83
N GLY B 142 5.30 1.28 17.72
CA GLY B 142 4.98 1.30 19.14
C GLY B 142 4.62 -0.03 19.75
N LYS B 143 4.92 -1.11 19.05
CA LYS B 143 4.59 -2.43 19.53
C LYS B 143 5.71 -3.05 20.37
N PRO B 144 5.39 -3.50 21.59
CA PRO B 144 6.46 -4.11 22.37
C PRO B 144 6.97 -5.36 21.63
N VAL B 145 8.28 -5.49 21.61
CA VAL B 145 8.92 -6.62 20.96
C VAL B 145 9.64 -7.46 22.01
N ILE B 146 9.47 -8.78 21.91
CA ILE B 146 10.14 -9.72 22.79
C ILE B 146 11.08 -10.57 21.93
N LEU B 147 12.38 -10.42 22.15
CA LEU B 147 13.38 -11.19 21.42
C LEU B 147 13.58 -12.50 22.17
N LEU B 148 13.47 -13.61 21.45
CA LEU B 148 13.69 -14.92 22.06
C LEU B 148 15.14 -15.22 21.75
N ARG B 149 16.01 -14.82 22.68
CA ARG B 149 17.46 -14.97 22.57
C ARG B 149 18.03 -16.37 22.46
N GLY B 150 19.14 -16.46 21.74
CA GLY B 150 19.79 -17.75 21.57
C GLY B 150 19.29 -18.43 20.33
N THR B 151 18.34 -17.81 19.66
CA THR B 151 17.78 -18.40 18.44
C THR B 151 18.56 -17.95 17.21
N GLY B 152 19.50 -17.05 17.42
CA GLY B 152 20.32 -16.60 16.32
C GLY B 152 19.77 -15.49 15.44
N GLY B 153 20.16 -15.52 14.17
CA GLY B 153 19.74 -14.53 13.20
C GLY B 153 19.77 -13.15 13.80
N TRP B 154 18.94 -12.27 13.25
CA TRP B 154 18.83 -10.89 13.71
C TRP B 154 18.25 -10.75 15.10
N THR B 155 17.54 -11.77 15.60
CA THR B 155 16.97 -11.67 16.95
C THR B 155 18.09 -11.44 17.96
N ASP B 156 19.19 -12.15 17.81
CA ASP B 156 20.33 -12.00 18.70
C ASP B 156 21.19 -10.82 18.25
N ARG B 157 21.34 -10.65 16.94
CA ARG B 157 22.16 -9.56 16.43
C ARG B 157 21.66 -8.18 16.83
N ILE B 158 20.35 -7.97 16.80
CA ILE B 158 19.80 -6.66 17.14
C ILE B 158 20.00 -6.26 18.60
N SER B 159 20.15 -7.25 19.47
CA SER B 159 20.35 -7.00 20.91
C SER B 159 21.68 -6.33 21.22
N GLN B 160 22.62 -6.38 20.28
CA GLN B 160 23.93 -5.78 20.49
C GLN B 160 23.99 -4.28 20.24
N VAL B 161 22.93 -3.72 19.67
CA VAL B 161 22.87 -2.29 19.40
C VAL B 161 21.72 -1.56 20.08
N LEU B 162 21.30 -2.06 21.24
CA LEU B 162 20.20 -1.42 21.95
C LEU B 162 20.65 -0.22 22.77
N ILE B 163 19.96 0.89 22.57
CA ILE B 163 20.23 2.10 23.33
C ILE B 163 19.69 1.83 24.74
N ASP B 164 20.51 2.01 25.78
CA ASP B 164 20.11 1.75 27.17
C ASP B 164 19.64 0.29 27.31
N GLY B 165 20.01 -0.54 26.34
CA GLY B 165 19.64 -1.96 26.37
C GLY B 165 18.17 -2.26 26.21
N LYS B 166 17.37 -1.27 25.81
CA LYS B 166 15.93 -1.46 25.65
C LYS B 166 15.32 -0.79 24.41
N TYR B 167 16.06 0.09 23.76
CA TYR B 167 15.47 0.81 22.64
C TYR B 167 16.23 0.71 21.31
N LEU B 168 15.53 1.06 20.23
CA LEU B 168 16.07 1.01 18.88
C LEU B 168 16.34 2.39 18.26
N ASP B 169 15.94 3.45 18.97
CA ASP B 169 16.23 4.81 18.54
C ASP B 169 16.02 5.78 19.70
N ASN B 170 16.57 6.98 19.56
CA ASN B 170 16.50 7.98 20.61
C ASN B 170 15.15 8.57 20.97
N ARG B 171 14.09 8.02 20.43
CA ARG B 171 12.78 8.54 20.80
C ARG B 171 12.16 7.54 21.77
N ARG B 172 12.91 6.49 22.06
CA ARG B 172 12.48 5.43 22.98
C ARG B 172 11.00 5.15 22.90
N ILE B 173 10.54 4.87 21.68
CA ILE B 173 9.12 4.63 21.42
C ILE B 173 8.46 3.58 22.32
N VAL B 174 9.08 2.40 22.40
CA VAL B 174 8.57 1.31 23.22
C VAL B 174 9.78 0.43 23.57
N GLU B 175 9.68 -0.34 24.65
CA GLU B 175 10.77 -1.20 25.07
C GLU B 175 10.88 -2.50 24.28
N ILE B 176 12.11 -2.95 24.11
CA ILE B 176 12.41 -4.21 23.43
C ILE B 176 12.77 -5.16 24.57
N HIS B 177 11.93 -6.18 24.77
CA HIS B 177 12.19 -7.16 25.82
C HIS B 177 12.99 -8.36 25.34
N GLN B 178 13.75 -8.95 26.26
CA GLN B 178 14.55 -10.12 25.93
C GLN B 178 14.16 -11.30 26.80
N ALA B 179 14.02 -12.46 26.20
CA ALA B 179 13.66 -13.66 26.93
C ALA B 179 14.48 -14.78 26.36
N TRP B 180 15.01 -15.63 27.22
CA TRP B 180 15.81 -16.76 26.76
C TRP B 180 15.03 -18.03 26.77
N THR B 181 13.74 -17.95 27.09
CA THR B 181 12.92 -19.12 27.15
C THR B 181 11.46 -18.84 26.76
N VAL B 182 10.80 -19.85 26.19
CA VAL B 182 9.42 -19.69 25.78
C VAL B 182 8.57 -19.35 26.99
N GLU B 183 8.82 -20.02 28.11
CA GLU B 183 8.08 -19.75 29.31
C GLU B 183 8.35 -18.33 29.77
N GLU B 184 9.60 -17.89 29.61
CA GLU B 184 9.99 -16.55 29.99
C GLU B 184 9.29 -15.52 29.10
N ALA B 185 9.19 -15.86 27.82
CA ALA B 185 8.56 -15.00 26.81
C ALA B 185 7.09 -14.71 27.08
N VAL B 186 6.31 -15.76 27.25
CA VAL B 186 4.89 -15.63 27.51
C VAL B 186 4.70 -14.87 28.80
N GLN B 187 5.56 -15.17 29.76
CA GLN B 187 5.53 -14.52 31.06
C GLN B 187 5.56 -13.01 30.86
N ILE B 188 6.45 -12.57 29.98
CA ILE B 188 6.62 -11.15 29.66
C ILE B 188 5.36 -10.63 28.98
N ILE B 189 4.75 -11.46 28.13
CA ILE B 189 3.52 -11.04 27.46
C ILE B 189 2.40 -10.82 28.46
N GLU B 190 2.29 -11.71 29.43
CA GLU B 190 1.28 -11.60 30.46
C GLU B 190 1.57 -10.34 31.26
N GLN B 191 2.84 -10.15 31.62
CA GLN B 191 3.23 -8.98 32.40
C GLN B 191 2.95 -7.70 31.59
N ILE B 192 2.61 -7.89 30.31
CA ILE B 192 2.35 -6.80 29.38
C ILE B 192 3.66 -6.10 29.04
N MSE C 23 2.04 25.36 -10.40
CA MSE C 23 1.90 24.88 -9.00
C MSE C 23 0.61 24.09 -8.81
O MSE C 23 0.59 23.08 -8.09
CB MSE C 23 1.93 26.05 -8.02
CG MSE C 23 2.22 25.65 -6.59
SE MSE C 23 1.48 26.88 -5.32
CE MSE C 23 3.12 27.49 -4.47
N LYS C 24 -0.48 24.56 -9.42
CA LYS C 24 -1.74 23.83 -9.36
C LYS C 24 -1.51 22.50 -10.08
N LYS C 25 -1.93 21.40 -9.46
CA LYS C 25 -1.72 20.08 -10.04
C LYS C 25 -2.97 19.44 -10.64
N VAL C 26 -2.87 19.07 -11.92
CA VAL C 26 -4.00 18.40 -12.53
C VAL C 26 -3.59 16.99 -12.96
N VAL C 27 -4.44 16.03 -12.62
CA VAL C 27 -4.18 14.64 -12.99
C VAL C 27 -5.08 14.34 -14.19
N VAL C 28 -4.50 13.69 -15.19
CA VAL C 28 -5.22 13.32 -16.40
C VAL C 28 -5.26 11.80 -16.48
N VAL C 29 -6.44 11.24 -16.74
CA VAL C 29 -6.60 9.80 -16.85
C VAL C 29 -7.31 9.45 -18.16
N GLY C 30 -7.06 8.24 -18.66
CA GLY C 30 -7.67 7.80 -19.91
C GLY C 30 -7.19 6.44 -20.39
N TYR C 31 -7.64 6.05 -21.59
CA TYR C 31 -7.27 4.76 -22.19
C TYR C 31 -5.76 4.53 -22.15
N SER C 32 -5.38 3.27 -22.06
CA SER C 32 -3.99 2.89 -22.12
C SER C 32 -3.93 2.13 -23.43
N GLY C 33 -2.81 1.51 -23.75
CA GLY C 33 -2.73 0.78 -25.00
C GLY C 33 -1.94 1.52 -26.06
N PRO C 34 -1.68 0.88 -27.23
CA PRO C 34 -0.92 1.56 -28.27
C PRO C 34 -1.50 2.88 -28.77
N VAL C 35 -0.62 3.89 -28.75
CA VAL C 35 -0.91 5.25 -29.16
C VAL C 35 -1.34 5.38 -30.63
N ASN C 36 -0.84 4.49 -31.48
CA ASN C 36 -1.16 4.52 -32.91
C ASN C 36 -2.39 3.72 -33.36
N LYS C 37 -3.15 3.15 -32.43
CA LYS C 37 -4.32 2.37 -32.82
C LYS C 37 -5.57 2.81 -32.04
N SER C 38 -6.74 2.37 -32.49
CA SER C 38 -7.98 2.73 -31.81
C SER C 38 -8.03 2.10 -30.42
N PRO C 39 -8.78 2.69 -29.49
CA PRO C 39 -9.58 3.91 -29.66
C PRO C 39 -8.80 5.18 -29.29
N VAL C 40 -7.53 5.01 -28.94
CA VAL C 40 -6.70 6.16 -28.55
C VAL C 40 -6.17 7.00 -29.72
N SER C 41 -6.01 6.40 -30.90
CA SER C 41 -5.51 7.16 -32.06
C SER C 41 -6.47 8.28 -32.48
N GLU C 42 -7.78 8.02 -32.43
CA GLU C 42 -8.77 9.04 -32.80
C GLU C 42 -8.77 10.19 -31.82
N LEU C 43 -8.15 9.99 -30.66
CA LEU C 43 -8.09 11.02 -29.62
C LEU C 43 -6.75 11.77 -29.58
N ARG C 44 -5.96 11.67 -30.63
CA ARG C 44 -4.66 12.32 -30.65
C ARG C 44 -4.67 13.84 -30.52
N ASP C 45 -5.39 14.52 -31.40
CA ASP C 45 -5.44 15.97 -31.36
C ASP C 45 -5.95 16.51 -30.03
N ILE C 46 -7.02 15.93 -29.52
CA ILE C 46 -7.57 16.36 -28.25
C ILE C 46 -6.53 16.16 -27.13
N CYS C 47 -5.87 15.01 -27.12
CA CYS C 47 -4.85 14.70 -26.13
C CYS C 47 -3.68 15.66 -26.16
N LEU C 48 -3.22 15.97 -27.36
CA LEU C 48 -2.09 16.89 -27.52
C LEU C 48 -2.49 18.31 -27.17
N GLU C 49 -3.71 18.69 -27.51
CA GLU C 49 -4.18 20.02 -27.21
C GLU C 49 -4.28 20.19 -25.69
N LEU C 50 -4.79 19.16 -25.03
CA LEU C 50 -4.96 19.18 -23.59
C LEU C 50 -3.61 19.36 -22.90
N GLY C 51 -2.63 18.57 -23.34
CA GLY C 51 -1.29 18.60 -22.78
C GLY C 51 -0.59 19.94 -22.94
N ARG C 52 -0.61 20.48 -24.16
CA ARG C 52 0.03 21.75 -24.45
C ARG C 52 -0.63 22.89 -23.67
N THR C 53 -1.96 22.89 -23.67
CA THR C 53 -2.70 23.92 -22.98
C THR C 53 -2.43 23.94 -21.47
N LEU C 54 -2.31 22.76 -20.87
CA LEU C 54 -2.04 22.70 -19.44
C LEU C 54 -0.65 23.27 -19.16
N ALA C 55 0.31 22.88 -20.00
CA ALA C 55 1.68 23.36 -19.90
C ALA C 55 1.70 24.88 -20.04
N LYS C 56 1.07 25.40 -21.09
CA LYS C 56 1.04 26.85 -21.32
C LYS C 56 0.46 27.62 -20.14
N LYS C 57 -0.54 27.03 -19.48
CA LYS C 57 -1.19 27.65 -18.34
C LYS C 57 -0.37 27.51 -17.06
N GLY C 58 0.74 26.80 -17.13
CA GLY C 58 1.60 26.62 -15.97
C GLY C 58 1.19 25.55 -14.95
N TYR C 59 0.32 24.62 -15.34
CA TYR C 59 -0.10 23.58 -14.41
C TYR C 59 0.90 22.42 -14.41
N LEU C 60 1.05 21.76 -13.27
CA LEU C 60 1.93 20.61 -13.15
C LEU C 60 1.04 19.41 -13.44
N VAL C 61 1.40 18.63 -14.45
CA VAL C 61 0.61 17.47 -14.86
C VAL C 61 1.08 16.12 -14.35
N PHE C 62 0.13 15.34 -13.86
CA PHE C 62 0.38 14.00 -13.34
C PHE C 62 -0.51 13.00 -14.09
N ASN C 63 0.02 11.80 -14.32
CA ASN C 63 -0.75 10.75 -14.97
C ASN C 63 -0.17 9.37 -14.65
N GLY C 64 -0.91 8.32 -15.04
CA GLY C 64 -0.49 6.95 -14.80
C GLY C 64 0.79 6.47 -15.47
N GLY C 65 1.49 7.38 -16.16
CA GLY C 65 2.76 7.05 -16.79
C GLY C 65 2.90 6.05 -17.94
N ARG C 66 1.86 5.31 -18.29
CA ARG C 66 1.96 4.33 -19.38
C ARG C 66 1.82 4.95 -20.77
N ASP C 67 1.21 4.18 -21.68
CA ASP C 67 0.99 4.65 -23.04
C ASP C 67 -0.39 5.27 -23.23
N GLY C 68 -0.99 5.06 -24.40
CA GLY C 68 -2.32 5.60 -24.69
C GLY C 68 -2.48 7.09 -24.50
N VAL C 69 -3.60 7.49 -23.91
CA VAL C 69 -3.88 8.89 -23.63
C VAL C 69 -2.77 9.50 -22.78
N MSE C 70 -2.30 8.74 -21.80
CA MSE C 70 -1.22 9.19 -20.91
C MSE C 70 0.01 9.64 -21.69
O MSE C 70 0.59 10.70 -21.41
CB MSE C 70 -0.81 8.07 -19.95
CG MSE C 70 -1.89 7.67 -18.93
SE MSE C 70 -1.67 5.92 -18.10
CE MSE C 70 -2.95 4.95 -19.16
N GLU C 71 0.40 8.86 -22.69
CA GLU C 71 1.56 9.19 -23.49
C GLU C 71 1.38 10.49 -24.31
N LEU C 72 0.24 10.59 -24.98
CA LEU C 72 -0.07 11.74 -25.81
C LEU C 72 -0.18 13.04 -25.04
N VAL C 73 -0.82 13.01 -23.88
CA VAL C 73 -0.96 14.20 -23.08
C VAL C 73 0.44 14.60 -22.61
N SER C 74 1.26 13.62 -22.26
CA SER C 74 2.63 13.88 -21.80
C SER C 74 3.43 14.58 -22.91
N GLN C 75 3.36 14.01 -24.12
CA GLN C 75 4.04 14.55 -25.28
C GLN C 75 3.64 16.02 -25.43
N GLY C 76 2.34 16.28 -25.32
CA GLY C 76 1.86 17.64 -25.43
C GLY C 76 2.40 18.57 -24.36
N VAL C 77 2.55 18.09 -23.13
CA VAL C 77 3.06 18.93 -22.07
C VAL C 77 4.53 19.22 -22.28
N ARG C 78 5.29 18.21 -22.67
CA ARG C 78 6.72 18.36 -22.91
C ARG C 78 6.95 19.25 -24.12
N GLU C 79 6.14 19.08 -25.15
CA GLU C 79 6.29 19.88 -26.35
C GLU C 79 6.25 21.35 -25.95
N ALA C 80 5.29 21.73 -25.12
CA ALA C 80 5.16 23.12 -24.67
C ALA C 80 6.12 23.50 -23.54
N GLY C 81 7.02 22.60 -23.16
CA GLY C 81 7.97 22.91 -22.12
C GLY C 81 7.44 22.81 -20.69
N GLY C 82 6.32 22.15 -20.52
CA GLY C 82 5.77 22.03 -19.18
C GLY C 82 6.36 20.78 -18.53
N THR C 83 6.03 20.56 -17.25
CA THR C 83 6.52 19.38 -16.55
C THR C 83 5.39 18.38 -16.34
N VAL C 84 5.69 17.12 -16.59
CA VAL C 84 4.68 16.09 -16.41
C VAL C 84 5.28 14.93 -15.63
N VAL C 85 4.62 14.55 -14.54
CA VAL C 85 5.09 13.48 -13.67
C VAL C 85 4.27 12.21 -13.78
N GLY C 86 4.96 11.07 -13.96
CA GLY C 86 4.26 9.80 -14.08
C GLY C 86 4.34 8.96 -12.83
N ILE C 87 3.22 8.37 -12.44
CA ILE C 87 3.16 7.52 -11.26
C ILE C 87 2.97 6.14 -11.86
N LEU C 88 4.00 5.32 -11.78
CA LEU C 88 4.00 3.98 -12.36
C LEU C 88 3.65 2.76 -11.53
N PRO C 89 3.01 1.76 -12.15
CA PRO C 89 2.67 0.55 -11.40
C PRO C 89 3.98 -0.28 -11.35
N ASP C 90 4.01 -1.26 -10.45
CA ASP C 90 5.16 -2.13 -10.20
C ASP C 90 6.34 -2.05 -11.15
N GLU C 91 6.41 -2.96 -12.14
CA GLU C 91 7.55 -3.00 -13.06
C GLU C 91 7.37 -2.35 -14.42
N GLU C 92 6.96 -1.09 -14.44
CA GLU C 92 6.80 -0.41 -15.71
C GLU C 92 7.87 0.66 -15.92
N ALA C 93 8.20 0.89 -17.19
CA ALA C 93 9.22 1.87 -17.57
C ALA C 93 8.72 3.29 -17.71
N GLY C 94 7.54 3.46 -18.31
CA GLY C 94 6.99 4.78 -18.49
C GLY C 94 7.14 5.25 -19.92
N ASN C 95 6.22 6.10 -20.38
CA ASN C 95 6.32 6.58 -21.74
C ASN C 95 7.54 7.50 -21.80
N PRO C 96 8.19 7.61 -22.97
CA PRO C 96 9.37 8.46 -23.11
C PRO C 96 9.24 9.97 -22.88
N TYR C 97 8.03 10.51 -22.69
CA TYR C 97 7.89 11.96 -22.52
C TYR C 97 7.80 12.42 -21.07
N LEU C 98 8.00 11.51 -20.11
CA LEU C 98 7.91 11.89 -18.70
C LEU C 98 9.05 12.76 -18.15
N SER C 99 8.70 13.91 -17.55
CA SER C 99 9.72 14.79 -16.99
C SER C 99 10.32 14.05 -15.79
N VAL C 100 9.49 13.25 -15.13
CA VAL C 100 9.92 12.45 -13.99
C VAL C 100 9.09 11.18 -13.94
N ALA C 101 9.77 10.05 -13.82
CA ALA C 101 9.07 8.76 -13.77
C ALA C 101 9.15 8.22 -12.34
N VAL C 102 8.01 8.14 -11.65
CA VAL C 102 8.02 7.66 -10.28
C VAL C 102 7.58 6.22 -10.10
N LYS C 103 8.53 5.34 -9.78
CA LYS C 103 8.21 3.94 -9.57
C LYS C 103 7.63 3.78 -8.16
N THR C 104 6.60 2.95 -8.04
CA THR C 104 5.93 2.74 -6.76
C THR C 104 6.05 1.33 -6.20
N GLY C 105 6.02 0.34 -7.08
CA GLY C 105 6.09 -1.04 -6.67
C GLY C 105 4.68 -1.57 -6.43
N LEU C 106 3.68 -0.73 -6.70
CA LEU C 106 2.28 -1.07 -6.50
C LEU C 106 1.59 -1.54 -7.77
N ASP C 107 0.52 -2.32 -7.64
CA ASP C 107 -0.20 -2.77 -8.83
C ASP C 107 -1.01 -1.61 -9.40
N PHE C 108 -1.56 -1.82 -10.59
CA PHE C 108 -2.35 -0.81 -11.28
C PHE C 108 -3.34 0.00 -10.46
N GLN C 109 -4.25 -0.67 -9.78
CA GLN C 109 -5.26 0.03 -8.99
C GLN C 109 -4.72 0.86 -7.84
N MSE C 110 -3.84 0.28 -7.02
CA MSE C 110 -3.27 1.01 -5.90
C MSE C 110 -2.39 2.16 -6.35
O MSE C 110 -2.34 3.19 -5.70
CB MSE C 110 -2.49 0.06 -4.99
CG MSE C 110 -3.43 -0.90 -4.30
SE MSE C 110 -2.59 -2.11 -3.08
CE MSE C 110 -1.23 -2.79 -4.24
N ARG C 111 -1.71 1.98 -7.48
CA ARG C 111 -0.85 3.02 -8.05
C ARG C 111 -1.74 4.22 -8.32
N SER C 112 -2.94 3.96 -8.85
CA SER C 112 -3.92 4.98 -9.20
C SER C 112 -4.34 5.84 -8.02
N PHE C 113 -4.48 5.21 -6.85
CA PHE C 113 -4.86 5.95 -5.69
C PHE C 113 -3.77 6.89 -5.18
N VAL C 114 -2.49 6.52 -5.35
CA VAL C 114 -1.43 7.41 -4.91
C VAL C 114 -1.38 8.52 -5.98
N LEU C 115 -1.76 8.17 -7.20
CA LEU C 115 -1.80 9.13 -8.30
C LEU C 115 -2.88 10.17 -8.04
N LEU C 116 -4.03 9.72 -7.54
CA LEU C 116 -5.13 10.64 -7.24
C LEU C 116 -4.80 11.64 -6.14
N ARG C 117 -4.00 11.20 -5.17
CA ARG C 117 -3.58 12.06 -4.06
C ARG C 117 -2.89 13.33 -4.55
N ASN C 118 -2.25 13.25 -5.72
CA ASN C 118 -1.52 14.38 -6.31
C ASN C 118 -2.37 15.28 -7.18
N ALA C 119 -3.69 15.19 -7.05
CA ALA C 119 -4.56 16.01 -7.86
C ALA C 119 -5.34 17.09 -7.13
N ASP C 120 -5.52 18.22 -7.81
CA ASP C 120 -6.31 19.33 -7.27
C ASP C 120 -7.57 19.16 -8.10
N VAL C 121 -7.36 18.58 -9.28
CA VAL C 121 -8.42 18.29 -10.23
C VAL C 121 -7.98 17.17 -11.19
N VAL C 122 -8.96 16.40 -11.64
CA VAL C 122 -8.76 15.28 -12.54
C VAL C 122 -9.52 15.53 -13.86
N VAL C 123 -8.88 15.21 -14.98
CA VAL C 123 -9.49 15.38 -16.29
C VAL C 123 -9.48 14.00 -16.94
N SER C 124 -10.67 13.53 -17.31
CA SER C 124 -10.82 12.21 -17.90
C SER C 124 -11.01 12.20 -19.43
N ILE C 125 -10.41 11.22 -20.10
CA ILE C 125 -10.55 11.09 -21.55
C ILE C 125 -10.73 9.63 -21.92
N GLY C 126 -11.90 9.30 -22.49
CA GLY C 126 -12.19 7.92 -22.89
C GLY C 126 -12.06 6.98 -21.71
N GLY C 127 -11.23 5.95 -21.89
CA GLY C 127 -11.00 5.01 -20.82
C GLY C 127 -11.79 3.72 -20.65
N GLU C 128 -11.07 2.70 -20.13
CA GLU C 128 -11.63 1.39 -19.84
C GLU C 128 -11.81 1.27 -18.32
N ILE C 129 -11.73 0.05 -17.76
CA ILE C 129 -11.95 -0.12 -16.33
C ILE C 129 -11.00 0.62 -15.40
N GLY C 130 -9.73 0.75 -15.80
CA GLY C 130 -8.77 1.45 -14.95
C GLY C 130 -9.14 2.91 -14.73
N THR C 131 -9.58 3.53 -15.81
CA THR C 131 -9.97 4.93 -15.77
C THR C 131 -11.24 5.08 -14.95
N ALA C 132 -12.14 4.09 -15.04
CA ALA C 132 -13.39 4.17 -14.30
C ALA C 132 -13.14 4.16 -12.80
N ILE C 133 -12.18 3.34 -12.37
CA ILE C 133 -11.82 3.24 -10.97
C ILE C 133 -11.22 4.57 -10.50
N GLU C 134 -10.47 5.21 -11.39
CA GLU C 134 -9.84 6.48 -11.06
C GLU C 134 -10.90 7.57 -10.99
N ILE C 135 -11.86 7.54 -11.89
CA ILE C 135 -12.90 8.55 -11.87
C ILE C 135 -13.66 8.45 -10.55
N LEU C 136 -14.08 7.25 -10.20
CA LEU C 136 -14.81 7.02 -8.96
C LEU C 136 -13.93 7.30 -7.73
N GLY C 137 -12.65 6.98 -7.82
CA GLY C 137 -11.75 7.22 -6.71
C GLY C 137 -11.50 8.69 -6.45
N ALA C 138 -11.38 9.44 -7.54
CA ALA C 138 -11.17 10.87 -7.45
C ALA C 138 -12.33 11.47 -6.66
N TYR C 139 -13.54 10.99 -6.95
CA TYR C 139 -14.73 11.46 -6.28
C TYR C 139 -14.75 11.10 -4.78
N ALA C 140 -14.43 9.85 -4.46
CA ALA C 140 -14.38 9.40 -3.07
C ALA C 140 -13.36 10.20 -2.26
N LEU C 141 -12.32 10.72 -2.93
CA LEU C 141 -11.26 11.51 -2.26
C LEU C 141 -11.54 13.00 -2.35
N GLY C 142 -12.73 13.34 -2.83
CA GLY C 142 -13.11 14.72 -2.94
C GLY C 142 -12.31 15.55 -3.93
N LYS C 143 -11.95 14.92 -5.03
CA LYS C 143 -11.20 15.63 -6.06
C LYS C 143 -12.14 15.95 -7.21
N PRO C 144 -12.24 17.23 -7.58
CA PRO C 144 -13.14 17.54 -8.69
C PRO C 144 -12.70 16.83 -9.98
N VAL C 145 -13.69 16.28 -10.68
CA VAL C 145 -13.44 15.58 -11.92
C VAL C 145 -14.09 16.31 -13.08
N ILE C 146 -13.37 16.41 -14.18
CA ILE C 146 -13.91 17.05 -15.37
C ILE C 146 -13.90 15.98 -16.46
N LEU C 147 -15.08 15.58 -16.91
CA LEU C 147 -15.17 14.58 -17.97
C LEU C 147 -15.09 15.31 -19.31
N LEU C 148 -14.22 14.85 -20.18
CA LEU C 148 -14.10 15.46 -21.49
C LEU C 148 -15.01 14.63 -22.39
N ARG C 149 -16.27 15.03 -22.42
CA ARG C 149 -17.31 14.36 -23.20
C ARG C 149 -17.04 14.24 -24.68
N GLY C 150 -17.67 13.25 -25.29
CA GLY C 150 -17.48 13.02 -26.70
C GLY C 150 -16.26 12.15 -26.93
N THR C 151 -15.49 11.86 -25.88
CA THR C 151 -14.30 11.03 -26.04
C THR C 151 -14.52 9.53 -25.84
N GLY C 152 -15.76 9.10 -25.57
CA GLY C 152 -16.06 7.69 -25.41
C GLY C 152 -15.66 7.00 -24.10
N GLY C 153 -15.56 5.68 -24.18
CA GLY C 153 -15.19 4.89 -23.02
C GLY C 153 -16.04 5.18 -21.81
N TRP C 154 -15.41 5.09 -20.65
CA TRP C 154 -16.10 5.35 -19.38
C TRP C 154 -16.35 6.84 -19.12
N THR C 155 -15.56 7.71 -19.73
CA THR C 155 -15.74 9.14 -19.55
C THR C 155 -17.16 9.49 -19.97
N ASP C 156 -17.63 8.89 -21.05
CA ASP C 156 -18.98 9.14 -21.52
C ASP C 156 -19.94 8.19 -20.82
N ARG C 157 -19.52 6.95 -20.61
CA ARG C 157 -20.40 6.00 -19.97
C ARG C 157 -20.80 6.43 -18.56
N ILE C 158 -19.83 6.90 -17.77
CA ILE C 158 -20.11 7.29 -16.39
C ILE C 158 -21.07 8.45 -16.30
N SER C 159 -21.21 9.21 -17.39
CA SER C 159 -22.11 10.36 -17.36
C SER C 159 -23.58 9.94 -17.33
N GLN C 160 -23.86 8.71 -17.75
CA GLN C 160 -25.25 8.28 -17.76
C GLN C 160 -25.79 7.87 -16.38
N VAL C 161 -24.94 7.85 -15.36
CA VAL C 161 -25.38 7.46 -14.01
C VAL C 161 -25.01 8.44 -12.91
N LEU C 162 -25.15 9.73 -13.20
CA LEU C 162 -24.84 10.75 -12.21
C LEU C 162 -26.06 11.01 -11.31
N ILE C 163 -25.85 11.34 -10.05
CA ILE C 163 -26.99 11.64 -9.19
C ILE C 163 -27.11 13.16 -9.23
N ASP C 164 -28.25 13.64 -9.69
CA ASP C 164 -28.52 15.08 -9.85
C ASP C 164 -27.58 15.63 -10.93
N GLY C 165 -27.11 14.74 -11.81
CA GLY C 165 -26.22 15.12 -12.89
C GLY C 165 -24.86 15.62 -12.44
N LYS C 166 -24.52 15.44 -11.17
CA LYS C 166 -23.24 15.94 -10.66
C LYS C 166 -22.54 15.04 -9.65
N TYR C 167 -23.22 14.01 -9.16
CA TYR C 167 -22.61 13.19 -8.14
C TYR C 167 -22.59 11.68 -8.36
N LEU C 168 -21.52 11.05 -7.86
CA LEU C 168 -21.36 9.61 -8.01
C LEU C 168 -21.89 8.75 -6.88
N ASP C 169 -22.41 9.40 -5.83
CA ASP C 169 -23.06 8.70 -4.71
C ASP C 169 -23.89 9.68 -3.87
N ASN C 170 -24.70 9.15 -2.97
CA ASN C 170 -25.59 10.00 -2.18
C ASN C 170 -24.97 10.89 -1.10
N ARG C 171 -23.64 10.86 -0.97
CA ARG C 171 -22.97 11.70 0.01
C ARG C 171 -22.46 12.94 -0.69
N ARG C 172 -22.81 13.04 -1.96
CA ARG C 172 -22.41 14.16 -2.81
C ARG C 172 -21.08 14.76 -2.35
N ILE C 173 -20.03 13.95 -2.40
CA ILE C 173 -18.70 14.36 -1.97
C ILE C 173 -18.12 15.57 -2.72
N VAL C 174 -18.12 15.52 -4.04
CA VAL C 174 -17.61 16.63 -4.84
C VAL C 174 -18.31 16.56 -6.19
N GLU C 175 -18.40 17.69 -6.89
CA GLU C 175 -19.10 17.70 -8.17
C GLU C 175 -18.31 17.15 -9.36
N ILE C 176 -18.99 16.39 -10.21
CA ILE C 176 -18.35 15.87 -11.41
C ILE C 176 -18.75 16.88 -12.47
N HIS C 177 -17.77 17.44 -13.18
CA HIS C 177 -18.03 18.43 -14.23
C HIS C 177 -17.97 17.82 -15.61
N GLN C 178 -18.58 18.51 -16.56
CA GLN C 178 -18.60 18.05 -17.94
C GLN C 178 -18.24 19.15 -18.92
N ALA C 179 -17.29 18.83 -19.80
CA ALA C 179 -16.79 19.74 -20.82
C ALA C 179 -16.74 18.99 -22.16
N TRP C 180 -17.11 19.67 -23.24
CA TRP C 180 -17.07 19.05 -24.57
C TRP C 180 -15.88 19.51 -25.36
N THR C 181 -15.10 20.40 -24.75
CA THR C 181 -13.94 20.94 -25.40
C THR C 181 -12.79 21.20 -24.42
N VAL C 182 -11.57 20.99 -24.89
CA VAL C 182 -10.38 21.25 -24.08
C VAL C 182 -10.44 22.67 -23.55
N GLU C 183 -10.82 23.62 -24.39
CA GLU C 183 -10.90 25.01 -23.97
C GLU C 183 -11.94 25.16 -22.87
N GLU C 184 -13.00 24.35 -22.97
CA GLU C 184 -14.07 24.39 -21.98
C GLU C 184 -13.57 23.77 -20.68
N ALA C 185 -12.73 22.75 -20.81
CA ALA C 185 -12.16 22.01 -19.68
C ALA C 185 -11.25 22.85 -18.79
N VAL C 186 -10.23 23.46 -19.40
CA VAL C 186 -9.29 24.29 -18.65
C VAL C 186 -10.06 25.43 -18.00
N GLN C 187 -11.03 25.95 -18.74
CA GLN C 187 -11.89 27.04 -18.29
C GLN C 187 -12.55 26.68 -16.96
N ILE C 188 -12.93 25.42 -16.85
CA ILE C 188 -13.57 24.92 -15.64
C ILE C 188 -12.54 24.80 -14.52
N ILE C 189 -11.30 24.42 -14.88
CA ILE C 189 -10.22 24.28 -13.92
C ILE C 189 -9.89 25.63 -13.31
N GLU C 190 -9.85 26.64 -14.17
CA GLU C 190 -9.57 28.00 -13.74
C GLU C 190 -10.75 28.42 -12.88
N GLN C 191 -11.96 28.11 -13.36
CA GLN C 191 -13.16 28.46 -12.61
C GLN C 191 -13.26 27.71 -11.31
N ILE C 192 -12.25 26.90 -11.01
CA ILE C 192 -12.28 26.15 -9.77
C ILE C 192 -13.48 25.20 -9.84
N MSE D 23 20.25 10.80 -15.86
CA MSE D 23 19.46 9.54 -15.79
C MSE D 23 19.57 8.76 -14.49
O MSE D 23 18.63 8.08 -14.09
CB MSE D 23 19.88 8.60 -16.93
CG MSE D 23 19.54 9.07 -18.31
SE MSE D 23 19.94 7.65 -19.57
CE MSE D 23 18.34 6.60 -19.36
N LYS D 24 20.73 8.85 -13.83
CA LYS D 24 20.92 8.07 -12.61
C LYS D 24 20.24 8.66 -11.40
N LYS D 25 19.50 7.81 -10.69
CA LYS D 25 18.74 8.20 -9.51
C LYS D 25 19.37 7.80 -8.16
N VAL D 26 19.61 8.79 -7.31
CA VAL D 26 20.17 8.49 -6.01
C VAL D 26 19.18 8.90 -4.94
N VAL D 27 18.92 8.01 -4.00
CA VAL D 27 18.02 8.32 -2.92
C VAL D 27 18.86 8.60 -1.69
N VAL D 28 18.55 9.70 -0.99
CA VAL D 28 19.28 10.06 0.22
C VAL D 28 18.31 9.98 1.40
N VAL D 29 18.77 9.35 2.48
CA VAL D 29 17.96 9.20 3.69
C VAL D 29 18.77 9.67 4.90
N GLY D 30 18.05 10.11 5.93
CA GLY D 30 18.69 10.59 7.13
C GLY D 30 17.72 11.16 8.15
N TYR D 31 18.26 11.77 9.21
CA TYR D 31 17.47 12.37 10.28
C TYR D 31 16.36 13.26 9.76
N SER D 32 15.27 13.33 10.52
CA SER D 32 14.18 14.23 10.19
C SER D 32 14.26 15.19 11.38
N GLY D 33 13.29 16.08 11.50
CA GLY D 33 13.32 17.02 12.62
C GLY D 33 13.81 18.40 12.23
N PRO D 34 13.75 19.37 13.16
CA PRO D 34 14.19 20.73 12.84
C PRO D 34 15.63 20.85 12.35
N VAL D 35 15.76 21.50 11.19
CA VAL D 35 17.01 21.72 10.50
C VAL D 35 18.01 22.58 11.30
N ASN D 36 17.48 23.43 12.16
CA ASN D 36 18.30 24.34 12.97
C ASN D 36 18.75 23.80 14.33
N LYS D 37 18.40 22.56 14.67
CA LYS D 37 18.80 21.98 15.96
C LYS D 37 19.51 20.64 15.81
N SER D 38 20.12 20.17 16.89
CA SER D 38 20.81 18.89 16.87
C SER D 38 19.79 17.77 16.65
N PRO D 39 20.23 16.64 16.09
CA PRO D 39 21.58 16.31 15.64
C PRO D 39 21.80 16.70 14.17
N VAL D 40 20.77 17.26 13.56
CA VAL D 40 20.82 17.63 12.14
C VAL D 40 21.59 18.92 11.84
N SER D 41 21.63 19.86 12.78
CA SER D 41 22.35 21.12 12.54
C SER D 41 23.85 20.90 12.34
N GLU D 42 24.43 20.00 13.12
CA GLU D 42 25.85 19.67 13.02
C GLU D 42 26.20 19.09 11.65
N LEU D 43 25.18 18.58 10.96
CA LEU D 43 25.38 17.95 9.65
C LEU D 43 25.02 18.84 8.46
N ARG D 44 24.98 20.15 8.68
CA ARG D 44 24.62 21.11 7.65
C ARG D 44 25.55 21.14 6.44
N ASP D 45 26.83 21.39 6.68
CA ASP D 45 27.79 21.47 5.58
C ASP D 45 27.87 20.18 4.77
N ILE D 46 27.88 19.03 5.44
CA ILE D 46 27.96 17.78 4.70
C ILE D 46 26.70 17.58 3.86
N CYS D 47 25.54 17.89 4.43
CA CYS D 47 24.28 17.75 3.71
C CYS D 47 24.19 18.66 2.49
N LEU D 48 24.65 19.91 2.63
CA LEU D 48 24.64 20.85 1.52
C LEU D 48 25.66 20.43 0.47
N GLU D 49 26.81 19.95 0.92
CA GLU D 49 27.87 19.51 0.02
C GLU D 49 27.34 18.35 -0.84
N LEU D 50 26.70 17.41 -0.16
CA LEU D 50 26.13 16.23 -0.80
C LEU D 50 25.13 16.62 -1.89
N GLY D 51 24.22 17.51 -1.52
CA GLY D 51 23.17 17.97 -2.43
C GLY D 51 23.71 18.66 -3.67
N ARG D 52 24.61 19.63 -3.46
CA ARG D 52 25.21 20.37 -4.56
C ARG D 52 25.99 19.46 -5.50
N THR D 53 26.81 18.60 -4.91
CA THR D 53 27.64 17.68 -5.69
C THR D 53 26.81 16.73 -6.54
N LEU D 54 25.68 16.28 -6.00
CA LEU D 54 24.84 15.36 -6.75
C LEU D 54 24.26 16.11 -7.94
N ALA D 55 23.78 17.32 -7.69
CA ALA D 55 23.22 18.17 -8.73
C ALA D 55 24.27 18.43 -9.81
N LYS D 56 25.46 18.88 -9.41
CA LYS D 56 26.52 19.18 -10.38
C LYS D 56 26.87 17.98 -11.26
N LYS D 57 26.80 16.78 -10.68
CA LYS D 57 27.12 15.56 -11.41
C LYS D 57 25.96 15.12 -12.28
N GLY D 58 24.84 15.82 -12.20
CA GLY D 58 23.70 15.46 -13.02
C GLY D 58 22.79 14.32 -12.55
N TYR D 59 22.88 13.94 -11.28
CA TYR D 59 22.04 12.87 -10.73
C TYR D 59 20.66 13.40 -10.32
N LEU D 60 19.65 12.57 -10.47
CA LEU D 60 18.30 12.94 -10.08
C LEU D 60 18.16 12.50 -8.62
N VAL D 61 17.85 13.45 -7.74
CA VAL D 61 17.77 13.15 -6.31
C VAL D 61 16.36 12.90 -5.75
N PHE D 62 16.24 11.84 -4.96
CA PHE D 62 14.97 11.48 -4.31
C PHE D 62 15.19 11.37 -2.79
N ASN D 63 14.18 11.77 -2.02
CA ASN D 63 14.23 11.66 -0.55
C ASN D 63 12.83 11.67 0.05
N GLY D 64 12.76 11.41 1.35
CA GLY D 64 11.50 11.35 2.06
C GLY D 64 10.70 12.65 2.16
N GLY D 65 11.19 13.70 1.49
CA GLY D 65 10.49 14.98 1.45
C GLY D 65 10.24 15.86 2.67
N ARG D 66 10.53 15.38 3.89
CA ARG D 66 10.28 16.20 5.07
C ARG D 66 11.43 17.16 5.37
N ASP D 67 11.69 17.40 6.66
CA ASP D 67 12.75 18.32 7.07
C ASP D 67 14.08 17.62 7.34
N GLY D 68 14.82 18.10 8.34
CA GLY D 68 16.11 17.51 8.69
C GLY D 68 17.12 17.40 7.56
N VAL D 69 17.79 16.26 7.49
CA VAL D 69 18.77 16.01 6.44
C VAL D 69 18.12 16.14 5.06
N MSE D 70 16.88 15.65 4.94
CA MSE D 70 16.13 15.70 3.68
C MSE D 70 16.02 17.13 3.14
O MSE D 70 16.24 17.38 1.95
CB MSE D 70 14.72 15.10 3.88
CG MSE D 70 14.71 13.61 4.30
SE MSE D 70 12.98 12.95 4.98
CE MSE D 70 13.31 13.05 6.90
N GLU D 71 15.72 18.06 4.04
CA GLU D 71 15.58 19.46 3.66
C GLU D 71 16.91 20.07 3.18
N LEU D 72 17.97 19.84 3.94
CA LEU D 72 19.27 20.40 3.61
C LEU D 72 19.86 19.85 2.31
N VAL D 73 19.71 18.55 2.09
CA VAL D 73 20.21 17.94 0.87
C VAL D 73 19.42 18.57 -0.30
N SER D 74 18.11 18.75 -0.11
CA SER D 74 17.30 19.34 -1.18
C SER D 74 17.77 20.75 -1.49
N GLN D 75 17.96 21.55 -0.44
CA GLN D 75 18.42 22.93 -0.58
C GLN D 75 19.68 22.93 -1.45
N GLY D 76 20.59 22.03 -1.12
CA GLY D 76 21.82 21.92 -1.86
C GLY D 76 21.63 21.57 -3.33
N VAL D 77 20.68 20.69 -3.60
CA VAL D 77 20.39 20.26 -4.96
C VAL D 77 19.83 21.44 -5.76
N ARG D 78 18.86 22.11 -5.17
CA ARG D 78 18.20 23.26 -5.81
C ARG D 78 19.18 24.42 -5.99
N GLU D 79 20.04 24.62 -5.00
CA GLU D 79 21.02 25.69 -5.07
C GLU D 79 21.85 25.53 -6.35
N ALA D 80 22.24 24.30 -6.64
CA ALA D 80 23.04 24.00 -7.82
C ALA D 80 22.21 23.80 -9.09
N GLY D 81 20.91 24.06 -9.02
CA GLY D 81 20.06 23.91 -10.18
C GLY D 81 19.70 22.49 -10.55
N GLY D 82 19.88 21.55 -9.63
CA GLY D 82 19.54 20.18 -9.93
C GLY D 82 18.08 19.96 -9.60
N THR D 83 17.56 18.77 -9.89
CA THR D 83 16.18 18.42 -9.60
C THR D 83 16.12 17.45 -8.43
N VAL D 84 15.23 17.71 -7.49
CA VAL D 84 15.07 16.84 -6.32
C VAL D 84 13.59 16.54 -6.13
N VAL D 85 13.26 15.26 -6.05
CA VAL D 85 11.88 14.84 -5.90
C VAL D 85 11.60 14.22 -4.53
N GLY D 86 10.51 14.69 -3.90
CA GLY D 86 10.15 14.19 -2.59
C GLY D 86 8.99 13.22 -2.60
N ILE D 87 9.14 12.11 -1.86
CA ILE D 87 8.09 11.12 -1.76
C ILE D 87 7.55 11.32 -0.35
N LEU D 88 6.34 11.86 -0.26
CA LEU D 88 5.72 12.19 1.03
C LEU D 88 4.78 11.18 1.67
N PRO D 89 4.79 11.11 3.01
CA PRO D 89 3.89 10.17 3.67
C PRO D 89 2.53 10.88 3.72
N ASP D 90 1.45 10.14 3.53
CA ASP D 90 0.09 10.70 3.52
C ASP D 90 0.02 11.93 2.62
N GLU D 91 -0.80 12.90 2.98
CA GLU D 91 -0.91 14.10 2.15
C GLU D 91 -0.22 15.31 2.76
N GLU D 92 1.01 15.11 3.27
CA GLU D 92 1.78 16.20 3.88
C GLU D 92 2.20 17.28 2.90
N ALA D 93 3.13 18.13 3.34
CA ALA D 93 3.58 19.24 2.51
C ALA D 93 5.01 19.14 1.97
N GLY D 94 5.95 18.68 2.80
CA GLY D 94 7.32 18.56 2.34
C GLY D 94 8.07 19.89 2.34
N ASN D 95 9.37 19.82 2.56
CA ASN D 95 10.22 21.01 2.62
C ASN D 95 10.05 21.89 1.38
N PRO D 96 10.20 23.21 1.53
CA PRO D 96 10.07 24.18 0.45
C PRO D 96 11.07 24.13 -0.71
N TYR D 97 12.04 23.23 -0.67
CA TYR D 97 13.03 23.17 -1.76
C TYR D 97 12.77 22.08 -2.78
N LEU D 98 11.69 21.32 -2.64
CA LEU D 98 11.40 20.24 -3.58
C LEU D 98 11.04 20.71 -4.98
N SER D 99 11.68 20.10 -5.98
CA SER D 99 11.40 20.43 -7.37
C SER D 99 10.02 19.87 -7.64
N VAL D 100 9.73 18.72 -7.05
CA VAL D 100 8.44 18.06 -7.21
C VAL D 100 8.13 17.33 -5.90
N ALA D 101 6.94 17.56 -5.35
CA ALA D 101 6.51 16.92 -4.11
C ALA D 101 5.48 15.86 -4.47
N VAL D 102 5.77 14.61 -4.16
CA VAL D 102 4.82 13.55 -4.50
C VAL D 102 4.07 12.99 -3.29
N LYS D 103 2.76 13.23 -3.27
CA LYS D 103 1.93 12.74 -2.18
C LYS D 103 1.64 11.26 -2.46
N THR D 104 1.52 10.45 -1.40
CA THR D 104 1.27 9.02 -1.56
C THR D 104 0.06 8.48 -0.80
N GLY D 105 -0.34 9.19 0.25
CA GLY D 105 -1.46 8.74 1.06
C GLY D 105 -1.08 7.51 1.87
N LEU D 106 0.21 7.20 1.90
CA LEU D 106 0.75 6.06 2.65
C LEU D 106 1.43 6.56 3.92
N ASP D 107 1.59 5.67 4.90
CA ASP D 107 2.27 6.09 6.13
C ASP D 107 3.78 6.13 5.91
N PHE D 108 4.50 6.59 6.93
CA PHE D 108 5.95 6.72 6.90
C PHE D 108 6.76 5.53 6.36
N GLN D 109 6.53 4.34 6.91
CA GLN D 109 7.26 3.16 6.50
C GLN D 109 6.97 2.66 5.08
N MSE D 110 5.72 2.65 4.68
CA MSE D 110 5.40 2.21 3.33
C MSE D 110 5.84 3.25 2.31
O MSE D 110 6.28 2.90 1.22
CB MSE D 110 3.89 1.94 3.22
CG MSE D 110 3.50 0.72 4.02
SE MSE D 110 1.65 0.25 3.86
CE MSE D 110 0.88 1.92 4.46
N ARG D 111 5.73 4.53 2.67
CA ARG D 111 6.16 5.61 1.80
C ARG D 111 7.64 5.34 1.50
N SER D 112 8.35 4.87 2.52
CA SER D 112 9.77 4.60 2.38
C SER D 112 10.09 3.54 1.34
N PHE D 113 9.21 2.57 1.20
CA PHE D 113 9.38 1.50 0.23
C PHE D 113 9.02 1.90 -1.19
N VAL D 114 8.23 2.96 -1.37
CA VAL D 114 7.96 3.35 -2.73
C VAL D 114 9.12 4.28 -3.09
N LEU D 115 9.74 4.86 -2.05
CA LEU D 115 10.88 5.76 -2.21
C LEU D 115 12.08 4.92 -2.69
N LEU D 116 12.33 3.81 -2.02
CA LEU D 116 13.44 2.91 -2.35
C LEU D 116 13.35 2.33 -3.77
N ARG D 117 12.15 2.25 -4.30
CA ARG D 117 11.94 1.74 -5.64
C ARG D 117 12.51 2.71 -6.66
N ASN D 118 12.77 3.95 -6.23
CA ASN D 118 13.28 4.97 -7.14
C ASN D 118 14.78 5.20 -7.08
N ALA D 119 15.49 4.33 -6.38
CA ALA D 119 16.93 4.46 -6.21
C ALA D 119 17.80 3.47 -6.96
N ASP D 120 18.92 3.98 -7.46
CA ASP D 120 19.91 3.16 -8.13
C ASP D 120 20.89 2.91 -6.99
N VAL D 121 20.96 3.91 -6.11
CA VAL D 121 21.84 3.84 -4.95
C VAL D 121 21.30 4.74 -3.82
N VAL D 122 21.51 4.29 -2.58
CA VAL D 122 21.04 5.02 -1.41
C VAL D 122 22.21 5.54 -0.57
N VAL D 123 22.15 6.82 -0.20
CA VAL D 123 23.18 7.40 0.64
C VAL D 123 22.51 7.68 1.98
N SER D 124 23.19 7.36 3.08
CA SER D 124 22.62 7.53 4.41
C SER D 124 23.39 8.51 5.30
N ILE D 125 22.66 9.38 5.97
CA ILE D 125 23.26 10.38 6.88
C ILE D 125 22.55 10.40 8.22
N GLY D 126 23.15 9.80 9.24
CA GLY D 126 22.54 9.78 10.57
C GLY D 126 21.24 8.96 10.67
N GLY D 127 20.14 9.67 10.93
CA GLY D 127 18.83 9.06 11.04
C GLY D 127 18.45 8.26 12.29
N GLU D 128 17.16 8.21 12.55
CA GLU D 128 16.63 7.46 13.67
C GLU D 128 16.00 6.17 13.08
N ILE D 129 14.94 5.66 13.72
CA ILE D 129 14.36 4.40 13.25
C ILE D 129 13.91 4.37 11.80
N GLY D 130 13.40 5.49 11.30
CA GLY D 130 12.95 5.55 9.92
C GLY D 130 14.07 5.36 8.90
N THR D 131 15.23 5.89 9.21
CA THR D 131 16.35 5.78 8.33
C THR D 131 16.88 4.35 8.38
N ALA D 132 16.80 3.75 9.56
CA ALA D 132 17.25 2.39 9.77
C ALA D 132 16.42 1.45 8.92
N ILE D 133 15.11 1.64 8.94
CA ILE D 133 14.20 0.80 8.17
C ILE D 133 14.49 0.98 6.69
N GLU D 134 14.91 2.18 6.30
CA GLU D 134 15.20 2.45 4.91
C GLU D 134 16.53 1.81 4.49
N ILE D 135 17.54 1.94 5.34
CA ILE D 135 18.83 1.32 5.09
C ILE D 135 18.61 -0.19 4.94
N LEU D 136 17.87 -0.77 5.87
CA LEU D 136 17.62 -2.20 5.79
C LEU D 136 16.76 -2.50 4.59
N GLY D 137 15.74 -1.68 4.36
CA GLY D 137 14.85 -1.87 3.24
C GLY D 137 15.58 -1.80 1.91
N ALA D 138 16.50 -0.85 1.81
CA ALA D 138 17.28 -0.70 0.59
C ALA D 138 17.99 -2.02 0.27
N TYR D 139 18.67 -2.56 1.27
CA TYR D 139 19.42 -3.81 1.11
C TYR D 139 18.54 -4.96 0.63
N ALA D 140 17.39 -5.15 1.27
CA ALA D 140 16.47 -6.22 0.89
C ALA D 140 16.01 -6.11 -0.56
N LEU D 141 16.00 -4.90 -1.10
CA LEU D 141 15.56 -4.67 -2.47
C LEU D 141 16.76 -4.71 -3.41
N GLY D 142 17.92 -5.06 -2.87
CA GLY D 142 19.12 -5.13 -3.70
C GLY D 142 19.62 -3.77 -4.15
N LYS D 143 19.45 -2.74 -3.32
CA LYS D 143 19.93 -1.41 -3.70
C LYS D 143 21.23 -1.12 -2.95
N PRO D 144 22.30 -0.78 -3.68
CA PRO D 144 23.55 -0.50 -2.98
C PRO D 144 23.43 0.69 -2.01
N VAL D 145 23.90 0.51 -0.79
CA VAL D 145 23.84 1.55 0.22
C VAL D 145 25.21 2.11 0.59
N ILE D 146 25.31 3.44 0.59
CA ILE D 146 26.55 4.08 0.96
C ILE D 146 26.31 4.85 2.27
N LEU D 147 26.93 4.37 3.35
CA LEU D 147 26.81 5.01 4.64
C LEU D 147 27.85 6.13 4.72
N LEU D 148 27.40 7.31 5.13
CA LEU D 148 28.28 8.44 5.28
C LEU D 148 28.60 8.50 6.76
N ARG D 149 29.64 7.75 7.13
CA ARG D 149 30.14 7.62 8.49
C ARG D 149 30.50 8.90 9.22
N GLY D 150 30.39 8.87 10.55
CA GLY D 150 30.72 10.04 11.33
C GLY D 150 29.55 11.01 11.41
N THR D 151 28.41 10.61 10.87
CA THR D 151 27.22 11.46 10.89
C THR D 151 26.28 11.04 12.01
N GLY D 152 26.66 10.00 12.75
CA GLY D 152 25.87 9.50 13.86
C GLY D 152 24.61 8.71 13.51
N GLY D 153 23.67 8.67 14.46
CA GLY D 153 22.41 7.96 14.27
C GLY D 153 22.62 6.53 13.86
N TRP D 154 21.70 6.01 13.06
CA TRP D 154 21.78 4.64 12.59
C TRP D 154 22.79 4.42 11.48
N THR D 155 23.21 5.50 10.81
CA THR D 155 24.19 5.35 9.75
C THR D 155 25.46 4.75 10.39
N ASP D 156 25.88 5.31 11.52
CA ASP D 156 27.06 4.76 12.19
C ASP D 156 26.69 3.51 12.97
N ARG D 157 25.51 3.49 13.59
CA ARG D 157 25.13 2.32 14.38
C ARG D 157 25.00 1.02 13.58
N ILE D 158 24.46 1.10 12.37
CA ILE D 158 24.29 -0.10 11.57
C ILE D 158 25.64 -0.67 11.10
N SER D 159 26.69 0.14 11.12
CA SER D 159 28.00 -0.33 10.67
C SER D 159 28.62 -1.26 11.69
N GLN D 160 28.01 -1.35 12.87
CA GLN D 160 28.55 -2.23 13.88
C GLN D 160 27.93 -3.60 13.90
N VAL D 161 27.23 -3.98 12.84
CA VAL D 161 26.61 -5.30 12.79
C VAL D 161 26.63 -5.93 11.42
N LEU D 162 27.52 -5.44 10.57
CA LEU D 162 27.66 -5.97 9.22
C LEU D 162 28.30 -7.34 9.20
N ILE D 163 27.73 -8.24 8.41
CA ILE D 163 28.27 -9.59 8.23
C ILE D 163 29.39 -9.46 7.17
N ASP D 164 30.61 -9.83 7.54
CA ASP D 164 31.78 -9.73 6.65
C ASP D 164 32.02 -8.24 6.37
N GLY D 165 31.53 -7.37 7.26
CA GLY D 165 31.70 -5.94 7.07
C GLY D 165 31.01 -5.31 5.87
N LYS D 166 30.27 -6.10 5.09
CA LYS D 166 29.60 -5.59 3.89
C LYS D 166 28.12 -5.94 3.75
N TYR D 167 27.61 -6.85 4.57
CA TYR D 167 26.22 -7.28 4.44
C TYR D 167 25.29 -7.18 5.65
N LEU D 168 23.98 -7.09 5.38
CA LEU D 168 22.98 -7.00 6.44
C LEU D 168 22.27 -8.30 6.76
N ASP D 169 22.54 -9.34 5.97
CA ASP D 169 21.99 -10.67 6.21
C ASP D 169 22.74 -11.72 5.38
N ASN D 170 22.65 -12.98 5.81
CA ASN D 170 23.36 -14.08 5.16
C ASN D 170 23.08 -14.36 3.69
N ARG D 171 22.11 -13.68 3.10
CA ARG D 171 21.84 -13.90 1.69
C ARG D 171 22.69 -12.91 0.89
N ARG D 172 23.49 -12.12 1.59
CA ARG D 172 24.36 -11.13 0.96
C ARG D 172 23.75 -10.58 -0.33
N ILE D 173 22.62 -9.91 -0.18
CA ILE D 173 21.91 -9.37 -1.33
C ILE D 173 22.69 -8.31 -2.09
N VAL D 174 23.21 -7.31 -1.38
CA VAL D 174 23.99 -6.27 -2.03
C VAL D 174 24.95 -5.65 -1.01
N GLU D 175 26.07 -5.11 -1.47
CA GLU D 175 27.05 -4.56 -0.54
C GLU D 175 26.71 -3.21 0.09
N ILE D 176 27.02 -3.07 1.37
CA ILE D 176 26.80 -1.81 2.09
C ILE D 176 28.14 -1.09 2.13
N HIS D 177 28.27 -0.05 1.29
CA HIS D 177 29.51 0.72 1.23
C HIS D 177 29.59 1.75 2.34
N GLN D 178 30.81 2.18 2.66
CA GLN D 178 31.05 3.17 3.69
C GLN D 178 31.93 4.28 3.16
N ALA D 179 31.58 5.52 3.49
CA ALA D 179 32.36 6.67 3.05
C ALA D 179 32.39 7.73 4.15
N TRP D 180 33.58 8.24 4.45
CA TRP D 180 33.73 9.24 5.49
C TRP D 180 33.70 10.66 4.96
N THR D 181 33.49 10.77 3.66
CA THR D 181 33.47 12.07 3.02
C THR D 181 32.49 12.11 1.84
N VAL D 182 31.92 13.28 1.59
CA VAL D 182 30.99 13.42 0.49
C VAL D 182 31.68 13.06 -0.82
N GLU D 183 32.91 13.53 -0.98
CA GLU D 183 33.70 13.27 -2.17
C GLU D 183 33.92 11.77 -2.29
N GLU D 184 34.17 11.15 -1.15
CA GLU D 184 34.39 9.71 -1.10
C GLU D 184 33.09 8.98 -1.40
N ALA D 185 31.97 9.63 -1.09
CA ALA D 185 30.65 9.04 -1.31
C ALA D 185 30.30 8.96 -2.79
N VAL D 186 30.29 10.12 -3.44
CA VAL D 186 29.98 10.21 -4.86
C VAL D 186 30.92 9.31 -5.66
N GLN D 187 32.18 9.32 -5.27
CA GLN D 187 33.21 8.53 -5.90
C GLN D 187 32.76 7.07 -5.97
N ILE D 188 32.21 6.59 -4.86
CA ILE D 188 31.70 5.23 -4.78
C ILE D 188 30.52 5.03 -5.71
N ILE D 189 29.66 6.05 -5.83
CA ILE D 189 28.50 5.98 -6.70
C ILE D 189 29.01 5.81 -8.13
N GLU D 190 29.92 6.71 -8.53
CA GLU D 190 30.52 6.67 -9.87
C GLU D 190 31.14 5.30 -10.14
N GLN D 191 31.83 4.76 -9.15
CA GLN D 191 32.46 3.45 -9.27
C GLN D 191 31.37 2.39 -9.37
N ILE D 192 30.17 2.76 -8.93
CA ILE D 192 29.01 1.87 -8.95
C ILE D 192 29.33 0.50 -8.37
#